data_2KQ5
#
_entry.id   2KQ5
#
_entity_poly.entity_id   1
_entity_poly.type   'polypeptide(L)'
_entity_poly.pdbx_seq_one_letter_code
;EQVVAIASNIGGKQALETVQRLLPVLCQAHGLTPEQVVAIASHDGGKQALE
;
_entity_poly.pdbx_strand_id   A
#
# COMPACT_ATOMS: atom_id res chain seq x y z
N GLU A 1 -12.07 -9.52 5.44
CA GLU A 1 -11.92 -8.04 5.53
C GLU A 1 -10.70 -7.70 6.36
N GLN A 2 -10.08 -6.57 6.07
CA GLN A 2 -8.92 -6.14 6.82
C GLN A 2 -8.78 -4.63 6.73
N VAL A 3 -8.05 -4.03 7.67
CA VAL A 3 -7.85 -2.59 7.69
C VAL A 3 -7.25 -2.06 6.39
N VAL A 4 -6.43 -2.90 5.74
CA VAL A 4 -5.79 -2.51 4.49
C VAL A 4 -6.78 -2.52 3.33
N ALA A 5 -7.95 -3.11 3.57
CA ALA A 5 -8.99 -3.19 2.55
C ALA A 5 -10.10 -2.18 2.81
N ILE A 6 -10.38 -1.93 4.09
CA ILE A 6 -11.43 -0.98 4.46
C ILE A 6 -10.99 0.44 4.13
N ALA A 7 -9.77 0.79 4.50
CA ALA A 7 -9.24 2.12 4.24
C ALA A 7 -9.18 2.40 2.74
N SER A 8 -8.80 1.40 1.97
CA SER A 8 -8.69 1.52 0.53
C SER A 8 -10.07 1.61 -0.11
N ASN A 9 -11.08 1.09 0.58
CA ASN A 9 -12.45 1.13 0.08
C ASN A 9 -12.99 2.55 0.20
N ILE A 10 -12.49 3.26 1.20
CA ILE A 10 -12.91 4.63 1.44
C ILE A 10 -12.10 5.59 0.56
N GLY A 11 -10.79 5.40 0.52
CA GLY A 11 -9.93 6.24 -0.28
C GLY A 11 -10.08 6.00 -1.77
N GLY A 12 -10.21 4.73 -2.15
CA GLY A 12 -10.37 4.38 -3.55
C GLY A 12 -9.05 4.00 -4.20
N LYS A 13 -7.97 4.00 -3.43
CA LYS A 13 -6.66 3.66 -3.94
C LYS A 13 -6.05 2.55 -3.09
N GLN A 14 -6.32 1.31 -3.46
CA GLN A 14 -5.84 0.15 -2.70
C GLN A 14 -4.33 0.17 -2.51
N ALA A 15 -3.59 0.43 -3.58
CA ALA A 15 -2.12 0.45 -3.53
C ALA A 15 -1.58 1.57 -2.65
N LEU A 16 -2.30 2.69 -2.58
CA LEU A 16 -1.83 3.83 -1.79
C LEU A 16 -2.30 3.73 -0.34
N GLU A 17 -3.52 3.26 -0.14
CA GLU A 17 -4.06 3.14 1.20
C GLU A 17 -3.39 1.99 1.95
N THR A 18 -3.03 0.93 1.23
CA THR A 18 -2.39 -0.22 1.85
C THR A 18 -0.97 0.11 2.30
N VAL A 19 -0.28 0.96 1.56
CA VAL A 19 1.10 1.32 1.90
C VAL A 19 1.13 2.21 3.14
N GLN A 20 0.10 3.02 3.32
CA GLN A 20 0.03 3.91 4.47
C GLN A 20 -0.43 3.14 5.71
N ARG A 21 -1.14 2.05 5.49
CA ARG A 21 -1.64 1.23 6.59
C ARG A 21 -0.60 0.20 7.03
N LEU A 22 0.10 -0.39 6.07
CA LEU A 22 1.11 -1.39 6.38
C LEU A 22 2.45 -0.75 6.67
N LEU A 23 2.51 0.58 6.55
CA LEU A 23 3.74 1.33 6.81
C LEU A 23 4.29 1.06 8.22
N PRO A 24 3.52 1.33 9.30
CA PRO A 24 4.00 1.08 10.66
C PRO A 24 4.22 -0.40 10.95
N VAL A 25 3.43 -1.24 10.29
CA VAL A 25 3.52 -2.69 10.47
C VAL A 25 4.87 -3.22 10.01
N LEU A 26 5.20 -2.98 8.74
CA LEU A 26 6.46 -3.46 8.18
C LEU A 26 7.64 -2.69 8.75
N CYS A 27 7.39 -1.48 9.24
CA CYS A 27 8.45 -0.66 9.81
C CYS A 27 8.81 -1.16 11.20
N GLN A 28 7.83 -1.68 11.93
CA GLN A 28 8.06 -2.19 13.26
C GLN A 28 8.59 -3.61 13.22
N ALA A 29 8.04 -4.42 12.33
CA ALA A 29 8.44 -5.81 12.19
C ALA A 29 9.84 -5.92 11.57
N HIS A 30 10.16 -5.04 10.64
CA HIS A 30 11.46 -5.07 9.98
C HIS A 30 12.12 -3.69 10.01
N GLY A 31 11.46 -2.72 9.42
CA GLY A 31 12.02 -1.37 9.40
C GLY A 31 12.21 -0.86 7.99
N LEU A 32 12.66 -1.74 7.10
CA LEU A 32 12.89 -1.39 5.70
C LEU A 32 11.62 -0.92 5.04
N THR A 33 10.51 -1.57 5.38
CA THR A 33 9.20 -1.23 4.82
C THR A 33 9.20 -1.41 3.31
N PRO A 34 9.18 -2.67 2.84
CA PRO A 34 9.20 -2.98 1.40
C PRO A 34 7.93 -2.50 0.69
N GLU A 35 6.89 -2.25 1.46
CA GLU A 35 5.62 -1.80 0.92
C GLU A 35 5.77 -0.52 0.11
N GLN A 36 6.59 0.40 0.59
CA GLN A 36 6.80 1.66 -0.11
C GLN A 36 7.72 1.46 -1.32
N VAL A 37 8.14 0.22 -1.52
CA VAL A 37 9.01 -0.11 -2.63
C VAL A 37 8.28 -1.00 -3.64
N VAL A 38 7.73 -2.10 -3.18
CA VAL A 38 7.03 -3.05 -4.05
C VAL A 38 5.60 -2.58 -4.39
N ALA A 39 4.79 -2.28 -3.37
CA ALA A 39 3.41 -1.86 -3.59
C ALA A 39 3.36 -0.57 -4.41
N ILE A 40 4.19 0.38 -4.05
CA ILE A 40 4.25 1.65 -4.75
C ILE A 40 4.63 1.43 -6.22
N ALA A 41 5.65 0.60 -6.44
CA ALA A 41 6.12 0.30 -7.78
C ALA A 41 5.04 -0.43 -8.59
N SER A 42 4.23 -1.23 -7.93
CA SER A 42 3.17 -1.97 -8.59
C SER A 42 2.13 -1.02 -9.19
N HIS A 43 1.96 0.14 -8.56
CA HIS A 43 0.99 1.12 -9.04
C HIS A 43 1.68 2.13 -9.97
N ASP A 44 2.81 2.66 -9.53
CA ASP A 44 3.53 3.66 -10.31
C ASP A 44 4.10 3.04 -11.59
N GLY A 45 4.92 2.02 -11.43
CA GLY A 45 5.52 1.36 -12.58
C GLY A 45 4.75 0.13 -12.99
N GLY A 46 3.43 0.26 -13.05
CA GLY A 46 2.59 -0.86 -13.43
C GLY A 46 1.15 -0.46 -13.59
N LYS A 47 0.39 -0.50 -12.51
CA LYS A 47 -1.02 -0.15 -12.54
C LYS A 47 -1.23 1.35 -12.39
N GLN A 48 -0.71 2.12 -13.33
CA GLN A 48 -0.86 3.57 -13.30
C GLN A 48 -1.80 3.99 -14.43
N ALA A 49 -1.44 3.60 -15.65
CA ALA A 49 -2.25 3.92 -16.82
C ALA A 49 -3.54 3.11 -16.82
N LEU A 50 -3.60 2.12 -15.94
CA LEU A 50 -4.76 1.26 -15.82
C LEU A 50 -5.45 1.53 -14.49
N GLU A 51 -5.22 2.70 -13.92
CA GLU A 51 -5.81 3.08 -12.66
C GLU A 51 -5.95 4.60 -12.58
N GLU A 1 -12.40 -8.82 5.66
CA GLU A 1 -12.42 -7.35 5.61
C GLU A 1 -11.34 -6.77 6.51
N GLN A 2 -10.09 -6.91 6.09
CA GLN A 2 -8.97 -6.38 6.86
C GLN A 2 -8.89 -4.87 6.71
N VAL A 3 -8.24 -4.21 7.67
CA VAL A 3 -8.11 -2.75 7.67
C VAL A 3 -7.53 -2.22 6.36
N VAL A 4 -6.65 -2.99 5.72
CA VAL A 4 -6.03 -2.58 4.46
C VAL A 4 -7.07 -2.48 3.35
N ALA A 5 -8.12 -3.28 3.45
CA ALA A 5 -9.18 -3.29 2.45
C ALA A 5 -10.24 -2.24 2.78
N ILE A 6 -10.49 -2.04 4.07
CA ILE A 6 -11.48 -1.06 4.51
C ILE A 6 -11.00 0.35 4.19
N ALA A 7 -9.74 0.63 4.51
CA ALA A 7 -9.16 1.94 4.26
C ALA A 7 -9.13 2.25 2.77
N SER A 8 -8.75 1.26 1.96
CA SER A 8 -8.67 1.45 0.51
C SER A 8 -10.07 1.62 -0.09
N ASN A 9 -11.07 1.06 0.57
CA ASN A 9 -12.44 1.17 0.09
C ASN A 9 -12.94 2.60 0.24
N ILE A 10 -12.46 3.27 1.28
CA ILE A 10 -12.83 4.65 1.56
C ILE A 10 -11.97 5.60 0.72
N GLY A 11 -10.67 5.32 0.66
CA GLY A 11 -9.75 6.15 -0.09
C GLY A 11 -9.94 5.99 -1.59
N GLY A 12 -10.11 4.76 -2.05
CA GLY A 12 -10.30 4.52 -3.46
C GLY A 12 -9.02 4.12 -4.16
N LYS A 13 -7.90 4.13 -3.43
CA LYS A 13 -6.60 3.77 -3.99
C LYS A 13 -5.97 2.64 -3.18
N GLN A 14 -6.26 1.41 -3.58
CA GLN A 14 -5.75 0.22 -2.90
C GLN A 14 -4.24 0.24 -2.70
N ALA A 15 -3.49 0.53 -3.76
CA ALA A 15 -2.03 0.54 -3.69
C ALA A 15 -1.47 1.81 -3.03
N LEU A 16 -2.33 2.63 -2.44
CA LEU A 16 -1.89 3.85 -1.78
C LEU A 16 -2.35 3.88 -0.33
N GLU A 17 -3.57 3.42 -0.09
CA GLU A 17 -4.10 3.38 1.27
C GLU A 17 -3.44 2.24 2.04
N THR A 18 -3.27 1.11 1.36
CA THR A 18 -2.65 -0.06 1.94
C THR A 18 -1.18 0.19 2.30
N VAL A 19 -0.49 0.94 1.45
CA VAL A 19 0.93 1.23 1.66
C VAL A 19 1.15 2.05 2.94
N GLN A 20 0.15 2.84 3.33
CA GLN A 20 0.26 3.65 4.53
C GLN A 20 -0.20 2.87 5.75
N ARG A 21 -1.04 1.87 5.54
CA ARG A 21 -1.55 1.05 6.62
C ARG A 21 -0.53 -0.03 7.01
N LEU A 22 0.13 -0.58 6.01
CA LEU A 22 1.13 -1.62 6.25
C LEU A 22 2.49 -1.00 6.58
N LEU A 23 2.62 0.30 6.29
CA LEU A 23 3.86 1.03 6.54
C LEU A 23 4.33 0.87 8.00
N PRO A 24 3.52 1.27 9.01
CA PRO A 24 3.91 1.15 10.41
C PRO A 24 4.14 -0.31 10.83
N VAL A 25 3.37 -1.21 10.23
CA VAL A 25 3.49 -2.63 10.54
C VAL A 25 4.85 -3.16 10.10
N LEU A 26 5.23 -2.85 8.88
CA LEU A 26 6.51 -3.30 8.33
C LEU A 26 7.67 -2.61 9.05
N CYS A 27 7.44 -1.40 9.52
CA CYS A 27 8.47 -0.66 10.25
C CYS A 27 8.68 -1.28 11.63
N GLN A 28 7.58 -1.63 12.28
CA GLN A 28 7.62 -2.23 13.61
C GLN A 28 8.17 -3.65 13.58
N ALA A 29 7.77 -4.42 12.57
CA ALA A 29 8.22 -5.80 12.45
C ALA A 29 9.61 -5.91 11.83
N HIS A 30 9.97 -4.95 10.98
CA HIS A 30 11.27 -4.98 10.35
C HIS A 30 11.95 -3.61 10.40
N GLY A 31 11.60 -2.74 9.46
CA GLY A 31 12.19 -1.41 9.43
C GLY A 31 12.46 -0.90 8.03
N LEU A 32 12.86 -1.81 7.13
CA LEU A 32 13.15 -1.42 5.75
C LEU A 32 11.89 -0.97 5.02
N THR A 33 10.79 -1.67 5.29
CA THR A 33 9.49 -1.35 4.70
C THR A 33 9.50 -1.53 3.18
N PRO A 34 9.31 -2.77 2.70
CA PRO A 34 9.30 -3.07 1.27
C PRO A 34 8.04 -2.56 0.58
N GLU A 35 7.06 -2.14 1.37
CA GLU A 35 5.80 -1.63 0.84
C GLU A 35 6.04 -0.43 -0.08
N GLN A 36 6.95 0.45 0.34
CA GLN A 36 7.25 1.63 -0.45
C GLN A 36 8.22 1.29 -1.57
N VAL A 37 8.49 0.00 -1.73
CA VAL A 37 9.40 -0.47 -2.76
C VAL A 37 8.65 -1.29 -3.81
N VAL A 38 7.76 -2.15 -3.36
CA VAL A 38 7.00 -3.01 -4.27
C VAL A 38 5.59 -2.47 -4.53
N ALA A 39 4.87 -2.09 -3.48
CA ALA A 39 3.50 -1.60 -3.63
C ALA A 39 3.46 -0.31 -4.47
N ILE A 40 4.29 0.65 -4.09
CA ILE A 40 4.36 1.92 -4.81
C ILE A 40 4.77 1.68 -6.26
N ALA A 41 5.76 0.83 -6.45
CA ALA A 41 6.26 0.50 -7.78
C ALA A 41 5.17 -0.14 -8.64
N SER A 42 4.34 -0.97 -8.02
CA SER A 42 3.27 -1.65 -8.75
C SER A 42 2.23 -0.65 -9.26
N HIS A 43 1.94 0.37 -8.47
CA HIS A 43 0.95 1.38 -8.86
C HIS A 43 1.56 2.43 -9.78
N ASP A 44 2.78 2.85 -9.47
CA ASP A 44 3.45 3.87 -10.26
C ASP A 44 3.92 3.33 -11.61
N GLY A 45 4.64 2.22 -11.57
CA GLY A 45 5.13 1.63 -12.80
C GLY A 45 4.43 0.33 -13.14
N GLY A 46 3.16 0.44 -13.53
CA GLY A 46 2.40 -0.72 -13.89
C GLY A 46 0.90 -0.47 -13.84
N LYS A 47 0.44 0.11 -12.75
CA LYS A 47 -0.97 0.40 -12.59
C LYS A 47 -1.23 1.90 -12.69
N GLN A 48 -0.40 2.59 -13.47
CA GLN A 48 -0.56 4.02 -13.64
C GLN A 48 -1.71 4.31 -14.60
N ALA A 49 -1.76 3.55 -15.68
CA ALA A 49 -2.81 3.69 -16.67
C ALA A 49 -3.77 2.50 -16.62
N LEU A 50 -3.58 1.65 -15.62
CA LEU A 50 -4.42 0.46 -15.46
C LEU A 50 -5.14 0.47 -14.11
N GLU A 51 -5.23 1.64 -13.50
CA GLU A 51 -5.89 1.80 -12.21
C GLU A 51 -6.40 3.23 -12.07
N GLU A 1 -10.33 -9.44 1.95
CA GLU A 1 -9.80 -8.09 2.20
C GLU A 1 -9.83 -7.77 3.69
N GLN A 2 -8.70 -7.33 4.21
CA GLN A 2 -8.60 -6.97 5.61
C GLN A 2 -8.94 -5.50 5.81
N VAL A 3 -8.92 -5.04 7.06
CA VAL A 3 -9.23 -3.65 7.38
C VAL A 3 -8.37 -2.65 6.60
N VAL A 4 -7.10 -2.96 6.42
CA VAL A 4 -6.18 -2.08 5.70
C VAL A 4 -6.49 -2.03 4.20
N ALA A 5 -7.35 -2.94 3.73
CA ALA A 5 -7.72 -2.99 2.33
C ALA A 5 -9.05 -2.26 2.12
N ILE A 6 -9.95 -2.41 3.08
CA ILE A 6 -11.26 -1.77 3.01
C ILE A 6 -11.11 -0.26 2.96
N ALA A 7 -10.29 0.29 3.86
CA ALA A 7 -10.06 1.73 3.91
C ALA A 7 -9.45 2.23 2.60
N SER A 8 -8.58 1.41 2.03
CA SER A 8 -7.92 1.76 0.77
C SER A 8 -8.94 1.78 -0.37
N ASN A 9 -9.92 0.89 -0.31
CA ASN A 9 -10.94 0.81 -1.34
C ASN A 9 -11.92 1.97 -1.23
N ILE A 10 -12.27 2.33 0.00
CA ILE A 10 -13.19 3.44 0.25
C ILE A 10 -12.54 4.76 -0.12
N GLY A 11 -11.27 4.91 0.24
CA GLY A 11 -10.54 6.14 -0.06
C GLY A 11 -10.06 6.19 -1.49
N GLY A 12 -10.21 5.09 -2.22
CA GLY A 12 -9.80 5.04 -3.60
C GLY A 12 -8.32 4.71 -3.76
N LYS A 13 -7.54 5.11 -2.77
CA LYS A 13 -6.11 4.89 -2.74
C LYS A 13 -5.78 3.43 -2.42
N GLN A 14 -6.12 2.54 -3.33
CA GLN A 14 -5.90 1.10 -3.17
C GLN A 14 -4.46 0.80 -2.74
N ALA A 15 -3.50 1.27 -3.53
CA ALA A 15 -2.10 1.01 -3.25
C ALA A 15 -1.41 2.25 -2.70
N LEU A 16 -2.16 3.08 -1.99
CA LEU A 16 -1.60 4.30 -1.42
C LEU A 16 -1.99 4.46 0.04
N GLU A 17 -3.20 4.03 0.38
CA GLU A 17 -3.66 4.12 1.75
C GLU A 17 -3.08 2.98 2.57
N THR A 18 -3.12 1.79 1.98
CA THR A 18 -2.61 0.59 2.62
C THR A 18 -1.08 0.68 2.83
N VAL A 19 -0.40 1.43 1.98
CA VAL A 19 1.05 1.57 2.08
C VAL A 19 1.44 2.48 3.25
N GLN A 20 0.50 3.28 3.73
CA GLN A 20 0.75 4.17 4.84
C GLN A 20 0.36 3.50 6.15
N ARG A 21 -0.65 2.63 6.10
CA ARG A 21 -1.12 1.93 7.28
C ARG A 21 -0.21 0.76 7.62
N LEU A 22 0.26 0.04 6.60
CA LEU A 22 1.13 -1.11 6.82
C LEU A 22 2.57 -0.66 7.08
N LEU A 23 2.86 0.59 6.74
CA LEU A 23 4.20 1.16 6.92
C LEU A 23 4.70 1.02 8.36
N PRO A 24 4.00 1.59 9.38
CA PRO A 24 4.45 1.50 10.77
C PRO A 24 4.53 0.06 11.28
N VAL A 25 3.67 -0.79 10.73
CA VAL A 25 3.64 -2.20 11.12
C VAL A 25 4.90 -2.91 10.66
N LEU A 26 5.19 -2.79 9.37
CA LEU A 26 6.36 -3.43 8.78
C LEU A 26 7.65 -2.76 9.23
N CYS A 27 7.59 -1.45 9.49
CA CYS A 27 8.76 -0.72 9.93
C CYS A 27 9.12 -1.06 11.37
N GLN A 28 8.12 -1.29 12.21
CA GLN A 28 8.37 -1.62 13.59
C GLN A 28 8.85 -3.05 13.71
N ALA A 29 8.39 -3.89 12.79
CA ALA A 29 8.76 -5.30 12.77
C ALA A 29 10.16 -5.50 12.19
N HIS A 30 10.37 -5.05 10.97
CA HIS A 30 11.66 -5.20 10.31
C HIS A 30 12.34 -3.86 10.06
N GLY A 31 11.60 -2.92 9.48
CA GLY A 31 12.17 -1.61 9.19
C GLY A 31 12.88 -1.57 7.85
N LEU A 32 12.47 -2.44 6.95
CA LEU A 32 13.07 -2.51 5.62
C LEU A 32 12.16 -1.90 4.56
N THR A 33 11.01 -1.39 5.00
CA THR A 33 10.00 -0.79 4.12
C THR A 33 9.75 -1.64 2.87
N PRO A 34 9.14 -2.82 3.05
CA PRO A 34 8.85 -3.73 1.96
C PRO A 34 7.54 -3.38 1.24
N GLU A 35 6.68 -2.65 1.94
CA GLU A 35 5.40 -2.26 1.39
C GLU A 35 5.57 -1.26 0.25
N GLN A 36 6.51 -0.33 0.41
CA GLN A 36 6.76 0.67 -0.62
C GLN A 36 7.42 0.06 -1.86
N VAL A 37 8.11 -1.06 -1.67
CA VAL A 37 8.79 -1.74 -2.78
C VAL A 37 7.81 -2.55 -3.62
N VAL A 38 6.63 -2.82 -3.09
CA VAL A 38 5.65 -3.61 -3.84
C VAL A 38 4.37 -2.81 -4.14
N ALA A 39 3.84 -2.11 -3.15
CA ALA A 39 2.61 -1.34 -3.34
C ALA A 39 2.85 -0.12 -4.22
N ILE A 40 3.82 0.71 -3.84
CA ILE A 40 4.14 1.91 -4.60
C ILE A 40 4.55 1.56 -6.02
N ALA A 41 5.42 0.57 -6.14
CA ALA A 41 5.90 0.12 -7.44
C ALA A 41 4.77 -0.34 -8.35
N SER A 42 3.85 -1.14 -7.80
CA SER A 42 2.72 -1.64 -8.57
C SER A 42 1.72 -0.54 -8.90
N HIS A 43 1.67 0.50 -8.07
CA HIS A 43 0.76 1.60 -8.32
C HIS A 43 1.34 2.57 -9.35
N ASP A 44 2.58 2.97 -9.12
CA ASP A 44 3.26 3.92 -9.99
C ASP A 44 3.59 3.30 -11.34
N GLY A 45 4.33 2.20 -11.32
CA GLY A 45 4.70 1.55 -12.57
C GLY A 45 3.85 0.35 -12.87
N GLY A 46 2.53 0.49 -12.69
CA GLY A 46 1.64 -0.62 -12.95
C GLY A 46 0.18 -0.20 -13.08
N LYS A 47 -0.36 0.38 -12.02
CA LYS A 47 -1.76 0.80 -12.00
C LYS A 47 -2.05 1.90 -13.01
N GLN A 48 -1.02 2.53 -13.55
CA GLN A 48 -1.21 3.58 -14.54
C GLN A 48 -1.83 3.02 -15.82
N ALA A 49 -1.75 1.70 -15.98
CA ALA A 49 -2.33 1.03 -17.13
C ALA A 49 -3.77 0.63 -16.86
N LEU A 50 -4.24 0.91 -15.65
CA LEU A 50 -5.61 0.59 -15.25
C LEU A 50 -6.36 1.85 -14.85
N GLU A 51 -5.73 2.67 -14.02
CA GLU A 51 -6.32 3.91 -13.53
C GLU A 51 -6.14 5.03 -14.55
N GLU A 1 -13.45 -7.31 6.42
CA GLU A 1 -12.13 -7.18 5.78
C GLU A 1 -11.16 -6.45 6.70
N GLN A 2 -9.87 -6.58 6.42
CA GLN A 2 -8.84 -5.93 7.22
C GLN A 2 -8.87 -4.42 7.00
N VAL A 3 -8.43 -3.66 8.00
CA VAL A 3 -8.41 -2.20 7.94
C VAL A 3 -7.67 -1.70 6.69
N VAL A 4 -6.67 -2.45 6.23
CA VAL A 4 -5.90 -2.07 5.06
C VAL A 4 -6.75 -2.15 3.79
N ALA A 5 -7.80 -2.97 3.83
CA ALA A 5 -8.68 -3.15 2.69
C ALA A 5 -9.91 -2.26 2.83
N ILE A 6 -10.21 -1.87 4.07
CA ILE A 6 -11.35 -1.00 4.33
C ILE A 6 -11.05 0.42 3.90
N ALA A 7 -9.91 0.94 4.36
CA ALA A 7 -9.49 2.29 4.03
C ALA A 7 -9.30 2.47 2.53
N SER A 8 -8.73 1.45 1.89
CA SER A 8 -8.48 1.51 0.45
C SER A 8 -9.79 1.43 -0.34
N ASN A 9 -10.73 0.65 0.16
CA ASN A 9 -12.02 0.48 -0.51
C ASN A 9 -12.78 1.81 -0.53
N ILE A 10 -12.66 2.56 0.55
CA ILE A 10 -13.33 3.85 0.66
C ILE A 10 -12.54 4.94 -0.06
N GLY A 11 -11.24 4.99 0.22
CA GLY A 11 -10.38 6.00 -0.40
C GLY A 11 -10.25 5.84 -1.90
N GLY A 12 -10.42 4.62 -2.39
CA GLY A 12 -10.31 4.37 -3.82
C GLY A 12 -8.89 4.02 -4.22
N LYS A 13 -7.94 4.41 -3.38
CA LYS A 13 -6.54 4.14 -3.63
C LYS A 13 -6.16 2.76 -3.13
N GLN A 14 -6.52 1.74 -3.91
CA GLN A 14 -6.24 0.35 -3.55
C GLN A 14 -4.77 0.01 -3.79
N ALA A 15 -3.89 0.83 -3.22
CA ALA A 15 -2.45 0.65 -3.33
C ALA A 15 -1.75 1.60 -2.38
N LEU A 16 -2.12 2.87 -2.45
CA LEU A 16 -1.52 3.90 -1.61
C LEU A 16 -2.10 3.86 -0.20
N GLU A 17 -3.40 3.60 -0.10
CA GLU A 17 -4.06 3.55 1.19
C GLU A 17 -3.65 2.32 1.98
N THR A 18 -3.51 1.18 1.30
CA THR A 18 -3.14 -0.06 1.96
C THR A 18 -1.68 0.00 2.43
N VAL A 19 -0.79 0.55 1.59
CA VAL A 19 0.62 0.63 1.96
C VAL A 19 0.82 1.63 3.11
N GLN A 20 -0.08 2.60 3.20
CA GLN A 20 -0.02 3.60 4.26
C GLN A 20 -0.40 2.99 5.60
N ARG A 21 -1.17 1.91 5.54
CA ARG A 21 -1.62 1.23 6.75
C ARG A 21 -0.67 0.08 7.10
N LEU A 22 -0.02 -0.48 6.09
CA LEU A 22 0.92 -1.58 6.29
C LEU A 22 2.31 -1.06 6.65
N LEU A 23 2.56 0.20 6.32
CA LEU A 23 3.84 0.84 6.60
C LEU A 23 4.22 0.73 8.09
N PRO A 24 3.35 1.18 9.04
CA PRO A 24 3.66 1.09 10.48
C PRO A 24 3.71 -0.34 10.99
N VAL A 25 3.42 -1.30 10.12
CA VAL A 25 3.44 -2.71 10.49
C VAL A 25 4.76 -3.34 10.07
N LEU A 26 5.05 -3.25 8.77
CA LEU A 26 6.27 -3.83 8.22
C LEU A 26 7.50 -3.09 8.72
N CYS A 27 7.37 -1.77 8.86
CA CYS A 27 8.47 -0.96 9.34
C CYS A 27 8.68 -1.13 10.84
N GLN A 28 7.72 -1.77 11.49
CA GLN A 28 7.82 -2.00 12.92
C GLN A 28 8.46 -3.36 13.19
N ALA A 29 8.07 -4.35 12.37
CA ALA A 29 8.60 -5.70 12.51
C ALA A 29 10.01 -5.81 11.93
N HIS A 30 10.23 -5.15 10.80
CA HIS A 30 11.54 -5.21 10.14
C HIS A 30 12.18 -3.82 10.08
N GLY A 31 11.46 -2.86 9.53
CA GLY A 31 11.99 -1.52 9.43
C GLY A 31 12.85 -1.32 8.20
N LEU A 32 12.63 -2.15 7.18
CA LEU A 32 13.40 -2.05 5.95
C LEU A 32 12.54 -1.47 4.83
N THR A 33 11.32 -1.07 5.19
CA THR A 33 10.35 -0.51 4.24
C THR A 33 10.24 -1.36 2.96
N PRO A 34 9.86 -2.65 3.10
CA PRO A 34 9.72 -3.55 1.95
C PRO A 34 8.35 -3.47 1.30
N GLU A 35 7.51 -2.59 1.81
CA GLU A 35 6.16 -2.41 1.28
C GLU A 35 6.15 -1.39 0.18
N GLN A 36 6.59 -0.18 0.50
CA GLN A 36 6.63 0.93 -0.45
C GLN A 36 7.46 0.59 -1.68
N VAL A 37 8.52 -0.20 -1.50
CA VAL A 37 9.39 -0.59 -2.59
C VAL A 37 8.65 -1.31 -3.70
N VAL A 38 7.69 -2.15 -3.34
CA VAL A 38 6.94 -2.90 -4.35
C VAL A 38 5.56 -2.30 -4.60
N ALA A 39 4.89 -1.84 -3.55
CA ALA A 39 3.55 -1.27 -3.68
C ALA A 39 3.54 0.00 -4.52
N ILE A 40 4.45 0.92 -4.23
CA ILE A 40 4.52 2.18 -4.97
C ILE A 40 4.99 1.94 -6.39
N ALA A 41 5.99 1.07 -6.55
CA ALA A 41 6.54 0.76 -7.86
C ALA A 41 5.48 0.12 -8.77
N SER A 42 4.75 -0.85 -8.24
CA SER A 42 3.73 -1.54 -9.01
C SER A 42 2.52 -0.63 -9.26
N HIS A 43 2.46 0.51 -8.57
CA HIS A 43 1.36 1.43 -8.75
C HIS A 43 1.75 2.53 -9.73
N ASP A 44 2.77 3.29 -9.38
CA ASP A 44 3.24 4.40 -10.20
C ASP A 44 3.90 3.92 -11.49
N GLY A 45 4.50 2.74 -11.46
CA GLY A 45 5.15 2.23 -12.65
C GLY A 45 4.49 0.97 -13.17
N GLY A 46 3.24 0.75 -12.78
CA GLY A 46 2.55 -0.45 -13.22
C GLY A 46 1.06 -0.23 -13.40
N LYS A 47 0.34 -0.20 -12.29
CA LYS A 47 -1.10 -0.04 -12.30
C LYS A 47 -1.54 1.39 -12.60
N GLN A 48 -0.62 2.23 -13.06
CA GLN A 48 -0.96 3.61 -13.40
C GLN A 48 -1.92 3.63 -14.58
N ALA A 49 -1.69 2.71 -15.52
CA ALA A 49 -2.53 2.59 -16.69
C ALA A 49 -3.84 1.90 -16.32
N LEU A 50 -3.82 1.16 -15.23
CA LEU A 50 -5.00 0.44 -14.75
C LEU A 50 -5.59 1.17 -13.54
N GLU A 51 -5.41 2.48 -13.51
CA GLU A 51 -5.91 3.29 -12.42
C GLU A 51 -7.18 3.99 -12.86
N GLU A 1 -12.23 -8.65 5.53
CA GLU A 1 -12.36 -7.19 5.73
C GLU A 1 -11.18 -6.68 6.54
N GLN A 2 -9.99 -6.79 5.96
CA GLN A 2 -8.77 -6.35 6.62
C GLN A 2 -8.67 -4.83 6.63
N VAL A 3 -7.89 -4.29 7.58
CA VAL A 3 -7.71 -2.85 7.70
C VAL A 3 -7.13 -2.23 6.43
N VAL A 4 -6.35 -3.03 5.70
CA VAL A 4 -5.73 -2.56 4.47
C VAL A 4 -6.73 -2.56 3.31
N ALA A 5 -7.87 -3.20 3.51
CA ALA A 5 -8.89 -3.28 2.48
C ALA A 5 -10.04 -2.32 2.75
N ILE A 6 -10.46 -2.21 4.00
CA ILE A 6 -11.55 -1.31 4.36
C ILE A 6 -11.16 0.15 4.17
N ALA A 7 -9.91 0.47 4.49
CA ALA A 7 -9.43 1.84 4.35
C ALA A 7 -9.31 2.24 2.89
N SER A 8 -8.81 1.31 2.08
CA SER A 8 -8.63 1.55 0.66
C SER A 8 -9.97 1.61 -0.07
N ASN A 9 -10.95 0.87 0.45
CA ASN A 9 -12.27 0.85 -0.15
C ASN A 9 -12.96 2.19 0.01
N ILE A 10 -12.55 2.93 1.03
CA ILE A 10 -13.12 4.25 1.29
C ILE A 10 -12.29 5.32 0.58
N GLY A 11 -10.97 5.12 0.55
CA GLY A 11 -10.08 6.07 -0.09
C GLY A 11 -10.10 5.97 -1.60
N GLY A 12 -10.23 4.76 -2.10
CA GLY A 12 -10.28 4.54 -3.53
C GLY A 12 -8.91 4.23 -4.11
N LYS A 13 -7.92 4.07 -3.24
CA LYS A 13 -6.56 3.77 -3.68
C LYS A 13 -5.99 2.62 -2.85
N GLN A 14 -6.10 1.40 -3.36
CA GLN A 14 -5.63 0.21 -2.67
C GLN A 14 -4.11 0.24 -2.42
N ALA A 15 -3.35 0.50 -3.47
CA ALA A 15 -1.90 0.52 -3.38
C ALA A 15 -1.37 1.73 -2.59
N LEU A 16 -2.12 2.82 -2.61
CA LEU A 16 -1.70 4.02 -1.91
C LEU A 16 -2.16 4.03 -0.45
N GLU A 17 -3.13 3.19 -0.13
CA GLU A 17 -3.62 3.11 1.24
C GLU A 17 -2.86 2.05 2.02
N THR A 18 -2.47 0.97 1.34
CA THR A 18 -1.73 -0.11 1.99
C THR A 18 -0.36 0.37 2.49
N VAL A 19 0.26 1.30 1.76
CA VAL A 19 1.57 1.81 2.15
C VAL A 19 1.50 2.59 3.45
N GLN A 20 0.35 3.16 3.75
CA GLN A 20 0.17 3.93 4.97
C GLN A 20 -0.39 3.06 6.07
N ARG A 21 -1.14 2.03 5.69
CA ARG A 21 -1.75 1.12 6.66
C ARG A 21 -0.72 0.15 7.21
N LEU A 22 0.08 -0.44 6.32
CA LEU A 22 1.10 -1.40 6.72
C LEU A 22 2.41 -0.72 7.05
N LEU A 23 2.44 0.61 6.94
CA LEU A 23 3.65 1.38 7.22
C LEU A 23 4.15 1.13 8.65
N PRO A 24 3.35 1.44 9.70
CA PRO A 24 3.78 1.25 11.09
C PRO A 24 4.11 -0.22 11.40
N VAL A 25 3.34 -1.11 10.81
CA VAL A 25 3.51 -2.55 11.01
C VAL A 25 4.86 -3.03 10.46
N LEU A 26 5.09 -2.77 9.18
CA LEU A 26 6.31 -3.21 8.53
C LEU A 26 7.55 -2.47 9.03
N CYS A 27 7.42 -1.19 9.33
CA CYS A 27 8.55 -0.41 9.81
C CYS A 27 9.00 -0.86 11.21
N GLN A 28 8.07 -1.45 11.96
CA GLN A 28 8.37 -1.91 13.30
C GLN A 28 8.81 -3.37 13.29
N ALA A 29 8.10 -4.19 12.52
CA ALA A 29 8.41 -5.61 12.44
C ALA A 29 9.73 -5.88 11.72
N HIS A 30 10.03 -5.10 10.70
CA HIS A 30 11.27 -5.30 9.95
C HIS A 30 12.03 -3.98 9.75
N GLY A 31 11.29 -2.93 9.40
CA GLY A 31 11.92 -1.64 9.17
C GLY A 31 12.05 -1.32 7.70
N LEU A 32 12.33 -2.35 6.91
CA LEU A 32 12.50 -2.21 5.46
C LEU A 32 11.28 -1.56 4.82
N THR A 33 10.10 -2.12 5.11
CA THR A 33 8.85 -1.61 4.56
C THR A 33 8.80 -1.80 3.05
N PRO A 34 8.47 -3.02 2.58
CA PRO A 34 8.41 -3.34 1.15
C PRO A 34 7.27 -2.61 0.43
N GLU A 35 6.35 -2.03 1.19
CA GLU A 35 5.23 -1.30 0.61
C GLU A 35 5.72 -0.13 -0.24
N GLN A 36 6.74 0.57 0.25
CA GLN A 36 7.29 1.71 -0.48
C GLN A 36 8.28 1.25 -1.55
N VAL A 37 8.55 -0.05 -1.58
CA VAL A 37 9.49 -0.60 -2.53
C VAL A 37 8.80 -1.24 -3.73
N VAL A 38 7.88 -2.16 -3.47
CA VAL A 38 7.19 -2.85 -4.57
C VAL A 38 5.71 -2.50 -4.68
N ALA A 39 5.03 -2.29 -3.54
CA ALA A 39 3.61 -1.96 -3.57
C ALA A 39 3.36 -0.67 -4.35
N ILE A 40 4.01 0.40 -3.93
CA ILE A 40 3.88 1.69 -4.59
C ILE A 40 4.40 1.60 -6.02
N ALA A 41 5.47 0.82 -6.20
CA ALA A 41 6.08 0.65 -7.51
C ALA A 41 5.11 0.03 -8.51
N SER A 42 4.30 -0.91 -8.04
CA SER A 42 3.33 -1.57 -8.89
C SER A 42 2.28 -0.57 -9.39
N HIS A 43 1.90 0.36 -8.52
CA HIS A 43 0.91 1.38 -8.89
C HIS A 43 1.57 2.46 -9.74
N ASP A 44 2.78 2.85 -9.36
CA ASP A 44 3.52 3.88 -10.08
C ASP A 44 3.85 3.45 -11.50
N GLY A 45 4.64 2.39 -11.62
CA GLY A 45 5.04 1.90 -12.93
C GLY A 45 4.35 0.61 -13.28
N GLY A 46 3.11 0.70 -13.74
CA GLY A 46 2.38 -0.48 -14.13
C GLY A 46 0.88 -0.29 -14.05
N LYS A 47 0.36 -0.22 -12.83
CA LYS A 47 -1.07 -0.06 -12.62
C LYS A 47 -1.54 1.35 -12.99
N GLN A 48 -0.62 2.30 -13.07
CA GLN A 48 -0.96 3.67 -13.40
C GLN A 48 -1.50 3.77 -14.83
N ALA A 49 -1.21 2.77 -15.64
CA ALA A 49 -1.68 2.74 -17.01
C ALA A 49 -3.01 2.00 -17.10
N LEU A 50 -3.47 1.50 -15.96
CA LEU A 50 -4.74 0.77 -15.89
C LEU A 50 -5.77 1.56 -15.08
N GLU A 51 -5.29 2.26 -14.06
CA GLU A 51 -6.15 3.06 -13.21
C GLU A 51 -6.41 4.42 -13.83
N GLU A 1 -11.16 -10.41 5.19
CA GLU A 1 -10.86 -9.00 4.83
C GLU A 1 -9.98 -8.36 5.90
N GLN A 2 -9.12 -7.45 5.47
CA GLN A 2 -8.23 -6.74 6.37
C GLN A 2 -8.55 -5.25 6.32
N VAL A 3 -8.16 -4.51 7.36
CA VAL A 3 -8.41 -3.07 7.42
C VAL A 3 -7.85 -2.33 6.20
N VAL A 4 -6.74 -2.84 5.67
CA VAL A 4 -6.11 -2.22 4.51
C VAL A 4 -6.88 -2.53 3.23
N ALA A 5 -7.95 -3.29 3.36
CA ALA A 5 -8.79 -3.64 2.23
C ALA A 5 -10.18 -3.05 2.42
N ILE A 6 -10.30 -2.24 3.45
CA ILE A 6 -11.57 -1.58 3.76
C ILE A 6 -11.41 -0.07 3.68
N ALA A 7 -10.54 0.48 4.52
CA ALA A 7 -10.29 1.92 4.54
C ALA A 7 -9.74 2.38 3.20
N SER A 8 -8.70 1.70 2.74
CA SER A 8 -8.06 2.02 1.48
C SER A 8 -9.04 1.87 0.31
N ASN A 9 -9.96 0.92 0.44
CA ASN A 9 -10.97 0.67 -0.59
C ASN A 9 -11.92 1.84 -0.73
N ILE A 10 -12.43 2.33 0.41
CA ILE A 10 -13.37 3.45 0.41
C ILE A 10 -12.66 4.75 0.05
N GLY A 11 -11.35 4.79 0.30
CA GLY A 11 -10.59 5.99 -0.02
C GLY A 11 -10.26 6.09 -1.50
N GLY A 12 -10.54 5.02 -2.24
CA GLY A 12 -10.25 5.02 -3.67
C GLY A 12 -8.82 4.61 -3.95
N LYS A 13 -7.91 5.27 -3.26
CA LYS A 13 -6.48 4.99 -3.39
C LYS A 13 -6.13 3.77 -2.56
N GLN A 14 -6.63 2.62 -2.98
CA GLN A 14 -6.41 1.36 -2.29
C GLN A 14 -4.92 1.07 -2.08
N ALA A 15 -4.16 1.03 -3.17
CA ALA A 15 -2.74 0.73 -3.11
C ALA A 15 -1.93 1.82 -2.42
N LEU A 16 -2.44 3.04 -2.39
CA LEU A 16 -1.73 4.14 -1.77
C LEU A 16 -2.03 4.24 -0.28
N GLU A 17 -3.24 3.90 0.11
CA GLU A 17 -3.64 3.94 1.50
C GLU A 17 -3.16 2.69 2.23
N THR A 18 -3.23 1.54 1.55
CA THR A 18 -2.78 0.29 2.15
C THR A 18 -1.30 0.36 2.50
N VAL A 19 -0.52 1.08 1.70
CA VAL A 19 0.90 1.21 1.96
C VAL A 19 1.14 2.20 3.10
N GLN A 20 0.20 3.13 3.27
CA GLN A 20 0.29 4.13 4.32
C GLN A 20 -0.02 3.48 5.66
N ARG A 21 -0.93 2.51 5.65
CA ARG A 21 -1.34 1.81 6.85
C ARG A 21 -0.37 0.67 7.19
N LEU A 22 0.21 0.06 6.17
CA LEU A 22 1.15 -1.05 6.39
C LEU A 22 2.53 -0.54 6.81
N LEU A 23 2.85 0.68 6.40
CA LEU A 23 4.14 1.31 6.71
C LEU A 23 4.49 1.24 8.21
N PRO A 24 3.64 1.77 9.12
CA PRO A 24 3.92 1.73 10.56
C PRO A 24 4.07 0.32 11.11
N VAL A 25 3.47 -0.64 10.42
CA VAL A 25 3.53 -2.03 10.86
C VAL A 25 4.85 -2.67 10.45
N LEU A 26 5.16 -2.62 9.16
CA LEU A 26 6.38 -3.22 8.64
C LEU A 26 7.61 -2.47 9.13
N CYS A 27 7.45 -1.17 9.37
CA CYS A 27 8.56 -0.35 9.86
C CYS A 27 8.86 -0.66 11.33
N GLN A 28 7.90 -1.26 12.01
CA GLN A 28 8.06 -1.62 13.41
C GLN A 28 8.68 -3.01 13.56
N ALA A 29 8.19 -3.95 12.77
CA ALA A 29 8.67 -5.33 12.81
C ALA A 29 10.04 -5.48 12.15
N HIS A 30 10.20 -4.93 10.96
CA HIS A 30 11.47 -5.04 10.24
C HIS A 30 12.17 -3.71 10.10
N GLY A 31 11.45 -2.70 9.62
CA GLY A 31 12.04 -1.38 9.44
C GLY A 31 12.64 -1.21 8.07
N LEU A 32 12.69 -2.30 7.30
CA LEU A 32 13.26 -2.28 5.95
C LEU A 32 12.24 -1.74 4.94
N THR A 33 11.01 -1.56 5.38
CA THR A 33 9.92 -1.04 4.56
C THR A 33 9.86 -1.72 3.18
N PRO A 34 9.39 -2.97 3.14
CA PRO A 34 9.27 -3.74 1.90
C PRO A 34 7.96 -3.50 1.17
N GLU A 35 6.99 -2.92 1.88
CA GLU A 35 5.67 -2.65 1.31
C GLU A 35 5.75 -1.63 0.18
N GLN A 36 6.49 -0.55 0.38
CA GLN A 36 6.63 0.49 -0.63
C GLN A 36 7.43 -0.02 -1.83
N VAL A 37 8.25 -1.04 -1.58
CA VAL A 37 9.08 -1.63 -2.63
C VAL A 37 8.25 -2.43 -3.62
N VAL A 38 7.07 -2.87 -3.20
CA VAL A 38 6.21 -3.67 -4.07
C VAL A 38 4.89 -2.97 -4.39
N ALA A 39 4.22 -2.41 -3.40
CA ALA A 39 2.93 -1.75 -3.60
C ALA A 39 3.06 -0.51 -4.48
N ILE A 40 3.99 0.37 -4.12
CA ILE A 40 4.21 1.60 -4.86
C ILE A 40 4.78 1.30 -6.25
N ALA A 41 5.72 0.38 -6.31
CA ALA A 41 6.36 0.00 -7.57
C ALA A 41 5.35 -0.47 -8.62
N SER A 42 4.46 -1.38 -8.23
CA SER A 42 3.46 -1.91 -9.14
C SER A 42 2.45 -0.85 -9.54
N HIS A 43 2.18 0.10 -8.66
CA HIS A 43 1.21 1.13 -8.95
C HIS A 43 1.82 2.24 -9.79
N ASP A 44 3.08 2.57 -9.52
CA ASP A 44 3.78 3.62 -10.25
C ASP A 44 3.99 3.21 -11.70
N GLY A 45 4.72 2.11 -11.90
CA GLY A 45 4.99 1.64 -13.25
C GLY A 45 4.18 0.42 -13.61
N GLY A 46 2.90 0.64 -13.92
CA GLY A 46 2.04 -0.47 -14.27
C GLY A 46 0.56 -0.18 -14.04
N LYS A 47 0.13 -0.33 -12.79
CA LYS A 47 -1.28 -0.12 -12.44
C LYS A 47 -1.76 1.30 -12.75
N GLN A 48 -0.84 2.25 -12.78
CA GLN A 48 -1.20 3.64 -13.07
C GLN A 48 -1.73 3.79 -14.50
N ALA A 49 -1.43 2.81 -15.35
CA ALA A 49 -1.89 2.82 -16.73
C ALA A 49 -3.36 2.42 -16.80
N LEU A 50 -3.89 1.95 -15.68
CA LEU A 50 -5.28 1.53 -15.59
C LEU A 50 -6.00 2.38 -14.54
N GLU A 51 -5.33 3.45 -14.11
CA GLU A 51 -5.89 4.35 -13.10
C GLU A 51 -7.02 5.17 -13.71
N GLU A 1 -11.79 -8.30 1.41
CA GLU A 1 -10.95 -7.12 1.68
C GLU A 1 -10.44 -7.16 3.12
N GLN A 2 -9.11 -7.08 3.29
CA GLN A 2 -8.50 -7.11 4.61
C GLN A 2 -8.68 -5.75 5.31
N VAL A 3 -8.22 -5.67 6.56
CA VAL A 3 -8.34 -4.45 7.36
C VAL A 3 -7.76 -3.23 6.65
N VAL A 4 -6.66 -3.40 5.94
CA VAL A 4 -6.03 -2.28 5.23
C VAL A 4 -6.71 -2.02 3.90
N ALA A 5 -7.41 -3.03 3.38
CA ALA A 5 -8.09 -2.90 2.10
C ALA A 5 -9.44 -2.22 2.27
N ILE A 6 -10.16 -2.53 3.34
CA ILE A 6 -11.46 -1.93 3.59
C ILE A 6 -11.31 -0.43 3.88
N ALA A 7 -10.15 -0.06 4.40
CA ALA A 7 -9.86 1.33 4.73
C ALA A 7 -9.50 2.10 3.47
N SER A 8 -8.64 1.50 2.64
CA SER A 8 -8.21 2.14 1.41
C SER A 8 -9.33 2.13 0.37
N ASN A 9 -10.24 1.17 0.49
CA ASN A 9 -11.38 1.06 -0.43
C ASN A 9 -12.23 2.32 -0.38
N ILE A 10 -12.42 2.85 0.82
CA ILE A 10 -13.21 4.06 1.02
C ILE A 10 -12.52 5.26 0.37
N GLY A 11 -11.20 5.28 0.48
CA GLY A 11 -10.43 6.37 -0.09
C GLY A 11 -10.32 6.25 -1.59
N GLY A 12 -10.52 5.04 -2.10
CA GLY A 12 -10.43 4.80 -3.54
C GLY A 12 -9.02 4.52 -4.00
N LYS A 13 -8.11 4.39 -3.04
CA LYS A 13 -6.70 4.14 -3.34
C LYS A 13 -6.20 2.93 -2.58
N GLN A 14 -6.52 1.75 -3.09
CA GLN A 14 -6.12 0.49 -2.48
C GLN A 14 -4.60 0.31 -2.46
N ALA A 15 -3.93 0.86 -3.46
CA ALA A 15 -2.48 0.73 -3.55
C ALA A 15 -1.77 1.99 -3.09
N LEU A 16 -2.48 2.85 -2.37
CA LEU A 16 -1.89 4.09 -1.87
C LEU A 16 -2.10 4.23 -0.37
N GLU A 17 -3.30 3.94 0.10
CA GLU A 17 -3.59 4.03 1.53
C GLU A 17 -3.02 2.82 2.27
N THR A 18 -3.08 1.66 1.62
CA THR A 18 -2.58 0.43 2.22
C THR A 18 -1.09 0.49 2.53
N VAL A 19 -0.30 1.02 1.60
CA VAL A 19 1.15 1.12 1.81
C VAL A 19 1.47 2.01 3.00
N GLN A 20 0.67 3.05 3.20
CA GLN A 20 0.87 3.97 4.31
C GLN A 20 0.40 3.33 5.61
N ARG A 21 -0.71 2.61 5.53
CA ARG A 21 -1.27 1.95 6.71
C ARG A 21 -0.36 0.84 7.22
N LEU A 22 0.31 0.16 6.29
CA LEU A 22 1.21 -0.93 6.64
C LEU A 22 2.63 -0.43 6.88
N LEU A 23 2.87 0.84 6.55
CA LEU A 23 4.19 1.44 6.70
C LEU A 23 4.68 1.34 8.15
N PRO A 24 3.94 1.89 9.15
CA PRO A 24 4.37 1.84 10.55
C PRO A 24 4.53 0.41 11.06
N VAL A 25 3.68 -0.48 10.56
CA VAL A 25 3.72 -1.89 10.94
C VAL A 25 5.03 -2.51 10.49
N LEU A 26 5.34 -2.35 9.21
CA LEU A 26 6.56 -2.92 8.64
C LEU A 26 7.81 -2.21 9.18
N CYS A 27 7.70 -0.92 9.45
CA CYS A 27 8.83 -0.16 9.97
C CYS A 27 9.17 -0.59 11.40
N GLN A 28 8.14 -0.96 12.15
CA GLN A 28 8.33 -1.39 13.53
C GLN A 28 8.76 -2.85 13.62
N ALA A 29 8.11 -3.70 12.85
CA ALA A 29 8.41 -5.12 12.86
C ALA A 29 9.67 -5.47 12.08
N HIS A 30 10.04 -4.64 11.13
CA HIS A 30 11.23 -4.89 10.31
C HIS A 30 12.10 -3.65 10.17
N GLY A 31 11.57 -2.66 9.47
CA GLY A 31 12.32 -1.44 9.24
C GLY A 31 12.48 -1.16 7.75
N LEU A 32 12.74 -2.22 7.00
CA LEU A 32 12.91 -2.12 5.55
C LEU A 32 11.64 -1.60 4.89
N THR A 33 10.52 -2.20 5.26
CA THR A 33 9.21 -1.83 4.72
C THR A 33 9.18 -2.04 3.20
N PRO A 34 9.03 -3.31 2.76
CA PRO A 34 8.98 -3.66 1.35
C PRO A 34 7.73 -3.13 0.66
N GLU A 35 6.78 -2.64 1.45
CA GLU A 35 5.54 -2.09 0.92
C GLU A 35 5.83 -0.95 -0.04
N GLN A 36 6.84 -0.15 0.28
CA GLN A 36 7.23 0.97 -0.56
C GLN A 36 7.97 0.48 -1.81
N VAL A 37 8.48 -0.74 -1.70
CA VAL A 37 9.24 -1.35 -2.79
C VAL A 37 8.33 -2.17 -3.72
N VAL A 38 7.27 -2.75 -3.20
CA VAL A 38 6.37 -3.55 -4.03
C VAL A 38 5.02 -2.87 -4.29
N ALA A 39 4.33 -2.45 -3.24
CA ALA A 39 3.01 -1.82 -3.40
C ALA A 39 3.11 -0.54 -4.23
N ILE A 40 3.96 0.38 -3.78
CA ILE A 40 4.15 1.65 -4.49
C ILE A 40 4.63 1.41 -5.92
N ALA A 41 5.54 0.46 -6.08
CA ALA A 41 6.09 0.12 -7.39
C ALA A 41 5.02 -0.45 -8.30
N SER A 42 4.17 -1.32 -7.76
CA SER A 42 3.10 -1.92 -8.54
C SER A 42 2.08 -0.88 -8.95
N HIS A 43 1.91 0.15 -8.12
CA HIS A 43 0.97 1.21 -8.42
C HIS A 43 1.56 2.15 -9.46
N ASP A 44 2.77 2.63 -9.22
CA ASP A 44 3.42 3.56 -10.14
C ASP A 44 3.76 2.89 -11.47
N GLY A 45 4.34 1.70 -11.41
CA GLY A 45 4.70 1.00 -12.63
C GLY A 45 3.80 -0.17 -12.93
N GLY A 46 2.51 0.10 -13.08
CA GLY A 46 1.56 -0.95 -13.38
C GLY A 46 0.12 -0.49 -13.25
N LYS A 47 -0.35 -0.38 -12.02
CA LYS A 47 -1.71 0.04 -11.75
C LYS A 47 -2.00 1.45 -12.26
N GLN A 48 -0.95 2.26 -12.36
CA GLN A 48 -1.09 3.63 -12.84
C GLN A 48 -1.62 3.67 -14.27
N ALA A 49 -1.41 2.59 -15.01
CA ALA A 49 -1.88 2.51 -16.39
C ALA A 49 -3.33 2.07 -16.45
N LEU A 50 -3.84 1.59 -15.31
CA LEU A 50 -5.22 1.12 -15.24
C LEU A 50 -6.10 2.14 -14.50
N GLU A 51 -5.47 3.01 -13.73
CA GLU A 51 -6.21 4.02 -12.98
C GLU A 51 -6.25 5.34 -13.77
N GLU A 1 -10.84 -7.99 3.14
CA GLU A 1 -11.20 -8.57 4.46
C GLU A 1 -10.48 -7.83 5.60
N GLN A 2 -9.19 -7.59 5.43
CA GLN A 2 -8.40 -6.90 6.44
C GLN A 2 -8.64 -5.39 6.38
N VAL A 3 -8.52 -4.73 7.52
CA VAL A 3 -8.74 -3.29 7.63
C VAL A 3 -7.83 -2.50 6.69
N VAL A 4 -6.66 -3.05 6.39
CA VAL A 4 -5.70 -2.38 5.51
C VAL A 4 -6.17 -2.42 4.05
N ALA A 5 -7.19 -3.22 3.77
CA ALA A 5 -7.72 -3.31 2.42
C ALA A 5 -9.04 -2.57 2.32
N ILE A 6 -9.86 -2.70 3.37
CA ILE A 6 -11.17 -2.05 3.41
C ILE A 6 -11.04 -0.53 3.33
N ALA A 7 -10.23 0.04 4.22
CA ALA A 7 -10.02 1.48 4.27
C ALA A 7 -9.42 1.99 2.97
N SER A 8 -8.53 1.20 2.38
CA SER A 8 -7.87 1.56 1.14
C SER A 8 -8.86 1.56 -0.03
N ASN A 9 -9.77 0.61 -0.02
CA ASN A 9 -10.77 0.49 -1.07
C ASN A 9 -11.68 1.72 -1.07
N ILE A 10 -12.17 2.08 0.10
CA ILE A 10 -13.06 3.23 0.26
C ILE A 10 -12.29 4.53 0.02
N GLY A 11 -11.03 4.55 0.43
CA GLY A 11 -10.20 5.73 0.26
C GLY A 11 -9.94 6.04 -1.20
N GLY A 12 -9.95 5.00 -2.03
CA GLY A 12 -9.72 5.17 -3.44
C GLY A 12 -8.30 4.78 -3.83
N LYS A 13 -7.35 5.24 -3.04
CA LYS A 13 -5.94 4.93 -3.31
C LYS A 13 -5.59 3.61 -2.66
N GLN A 14 -6.09 2.52 -3.23
CA GLN A 14 -5.87 1.17 -2.73
C GLN A 14 -4.42 0.91 -2.35
N ALA A 15 -3.50 1.25 -3.24
CA ALA A 15 -2.08 1.02 -3.01
C ALA A 15 -1.51 1.99 -1.97
N LEU A 16 -1.73 3.28 -2.17
CA LEU A 16 -1.19 4.30 -1.26
C LEU A 16 -1.74 4.15 0.16
N GLU A 17 -3.04 3.97 0.29
CA GLU A 17 -3.67 3.81 1.60
C GLU A 17 -3.08 2.61 2.32
N THR A 18 -2.87 1.53 1.57
CA THR A 18 -2.30 0.31 2.12
C THR A 18 -0.90 0.57 2.65
N VAL A 19 -0.09 1.29 1.88
CA VAL A 19 1.28 1.59 2.27
C VAL A 19 1.32 2.47 3.52
N GLN A 20 0.52 3.52 3.54
CA GLN A 20 0.50 4.45 4.67
C GLN A 20 -0.06 3.79 5.94
N ARG A 21 -0.67 2.64 5.78
CA ARG A 21 -1.24 1.91 6.91
C ARG A 21 -0.32 0.77 7.34
N LEU A 22 0.36 0.14 6.39
CA LEU A 22 1.25 -0.98 6.68
C LEU A 22 2.66 -0.51 7.05
N LEU A 23 3.12 0.57 6.43
CA LEU A 23 4.46 1.10 6.69
C LEU A 23 4.72 1.30 8.19
N PRO A 24 3.85 2.06 8.91
CA PRO A 24 4.03 2.30 10.36
C PRO A 24 4.11 1.01 11.18
N VAL A 25 3.62 -0.09 10.62
CA VAL A 25 3.63 -1.37 11.30
C VAL A 25 4.88 -2.16 10.93
N LEU A 26 5.11 -2.32 9.63
CA LEU A 26 6.26 -3.07 9.14
C LEU A 26 7.57 -2.39 9.49
N CYS A 27 7.55 -1.07 9.56
CA CYS A 27 8.75 -0.30 9.89
C CYS A 27 9.20 -0.61 11.32
N GLN A 28 8.26 -1.01 12.16
CA GLN A 28 8.57 -1.34 13.53
C GLN A 28 8.85 -2.83 13.69
N ALA A 29 8.03 -3.64 13.03
CA ALA A 29 8.16 -5.09 13.09
C ALA A 29 9.51 -5.58 12.57
N HIS A 30 9.83 -5.21 11.33
CA HIS A 30 11.09 -5.64 10.74
C HIS A 30 11.91 -4.45 10.26
N GLY A 31 11.24 -3.40 9.82
CA GLY A 31 11.94 -2.22 9.36
C GLY A 31 12.65 -2.43 8.04
N LEU A 32 12.01 -3.16 7.13
CA LEU A 32 12.61 -3.43 5.82
C LEU A 32 11.76 -2.86 4.71
N THR A 33 10.71 -2.12 5.09
CA THR A 33 9.76 -1.49 4.15
C THR A 33 9.51 -2.36 2.89
N PRO A 34 8.82 -3.50 3.07
CA PRO A 34 8.51 -4.40 1.98
C PRO A 34 7.11 -4.19 1.41
N GLU A 35 6.57 -3.00 1.65
CA GLU A 35 5.23 -2.66 1.17
C GLU A 35 5.28 -1.48 0.20
N GLN A 36 6.12 -0.50 0.51
CA GLN A 36 6.27 0.69 -0.32
C GLN A 36 6.93 0.34 -1.65
N VAL A 37 7.95 -0.50 -1.59
CA VAL A 37 8.72 -0.89 -2.78
C VAL A 37 7.93 -1.85 -3.69
N VAL A 38 6.73 -2.22 -3.29
CA VAL A 38 5.93 -3.13 -4.11
C VAL A 38 4.60 -2.52 -4.52
N ALA A 39 3.84 -2.01 -3.56
CA ALA A 39 2.54 -1.41 -3.85
C ALA A 39 2.68 -0.12 -4.65
N ILE A 40 3.61 0.74 -4.23
CA ILE A 40 3.80 2.00 -4.93
C ILE A 40 4.40 1.77 -6.31
N ALA A 41 5.37 0.88 -6.39
CA ALA A 41 6.04 0.56 -7.64
C ALA A 41 5.08 0.02 -8.69
N SER A 42 4.25 -0.95 -8.29
CA SER A 42 3.30 -1.56 -9.21
C SER A 42 2.17 -0.61 -9.59
N HIS A 43 1.81 0.30 -8.68
CA HIS A 43 0.73 1.23 -8.95
C HIS A 43 1.21 2.40 -9.80
N ASP A 44 2.34 2.98 -9.41
CA ASP A 44 2.91 4.11 -10.12
C ASP A 44 3.46 3.70 -11.49
N GLY A 45 4.09 2.53 -11.54
CA GLY A 45 4.65 2.04 -12.78
C GLY A 45 4.02 0.73 -13.22
N GLY A 46 2.71 0.76 -13.38
CA GLY A 46 1.99 -0.42 -13.80
C GLY A 46 0.50 -0.18 -13.91
N LYS A 47 -0.17 -0.08 -12.75
CA LYS A 47 -1.61 0.15 -12.70
C LYS A 47 -1.96 1.57 -13.16
N GLN A 48 -0.92 2.34 -13.47
CA GLN A 48 -1.10 3.72 -13.93
C GLN A 48 -1.83 3.74 -15.28
N ALA A 49 -1.47 2.82 -16.16
CA ALA A 49 -2.09 2.74 -17.47
C ALA A 49 -3.41 2.00 -17.40
N LEU A 50 -3.69 1.42 -16.25
CA LEU A 50 -4.92 0.67 -16.04
C LEU A 50 -5.75 1.33 -14.94
N GLU A 51 -5.61 2.64 -14.82
CA GLU A 51 -6.34 3.40 -13.81
C GLU A 51 -7.56 4.05 -14.44
N GLU A 1 -13.21 -7.85 4.51
CA GLU A 1 -12.20 -6.79 4.33
C GLU A 1 -11.37 -6.62 5.61
N GLN A 2 -10.08 -6.49 5.45
CA GLN A 2 -9.17 -6.30 6.58
C GLN A 2 -8.73 -4.85 6.68
N VAL A 3 -7.78 -4.56 7.56
CA VAL A 3 -7.28 -3.21 7.76
C VAL A 3 -6.77 -2.57 6.46
N VAL A 4 -6.16 -3.38 5.61
CA VAL A 4 -5.62 -2.90 4.34
C VAL A 4 -6.67 -2.97 3.23
N ALA A 5 -7.93 -3.09 3.62
CA ALA A 5 -9.02 -3.17 2.66
C ALA A 5 -10.13 -2.18 2.99
N ILE A 6 -10.49 -2.10 4.28
CA ILE A 6 -11.55 -1.19 4.71
C ILE A 6 -11.19 0.27 4.42
N ALA A 7 -9.97 0.66 4.78
CA ALA A 7 -9.51 2.02 4.55
C ALA A 7 -9.33 2.26 3.06
N SER A 8 -8.82 1.25 2.37
CA SER A 8 -8.58 1.32 0.94
C SER A 8 -9.87 1.53 0.15
N ASN A 9 -10.95 0.92 0.63
CA ASN A 9 -12.25 1.05 -0.02
C ASN A 9 -12.82 2.46 0.17
N ILE A 10 -12.51 3.05 1.32
CA ILE A 10 -12.98 4.39 1.63
C ILE A 10 -12.15 5.44 0.91
N GLY A 11 -10.83 5.31 1.01
CA GLY A 11 -9.95 6.25 0.36
C GLY A 11 -10.05 6.19 -1.15
N GLY A 12 -10.09 4.98 -1.69
CA GLY A 12 -10.20 4.81 -3.12
C GLY A 12 -8.86 4.52 -3.77
N LYS A 13 -7.81 4.53 -2.97
CA LYS A 13 -6.46 4.27 -3.46
C LYS A 13 -5.90 3.04 -2.77
N GLN A 14 -6.18 1.87 -3.33
CA GLN A 14 -5.74 0.59 -2.78
C GLN A 14 -4.24 0.55 -2.48
N ALA A 15 -3.42 0.78 -3.49
CA ALA A 15 -1.96 0.73 -3.33
C ALA A 15 -1.42 1.83 -2.42
N LEU A 16 -2.16 2.92 -2.26
CA LEU A 16 -1.68 4.02 -1.43
C LEU A 16 -2.20 3.90 0.01
N GLU A 17 -3.35 3.27 0.18
CA GLU A 17 -3.92 3.09 1.50
C GLU A 17 -3.23 1.94 2.23
N THR A 18 -2.85 0.92 1.46
CA THR A 18 -2.19 -0.25 2.05
C THR A 18 -0.78 0.10 2.52
N VAL A 19 -0.09 0.96 1.78
CA VAL A 19 1.28 1.34 2.13
C VAL A 19 1.30 2.17 3.41
N GLN A 20 0.25 2.94 3.64
CA GLN A 20 0.15 3.76 4.83
C GLN A 20 -0.32 2.94 6.02
N ARG A 21 -1.13 1.93 5.73
CA ARG A 21 -1.67 1.05 6.77
C ARG A 21 -0.62 0.05 7.24
N LEU A 22 0.11 -0.53 6.30
CA LEU A 22 1.14 -1.52 6.63
C LEU A 22 2.48 -0.87 6.93
N LEU A 23 2.53 0.46 6.85
CA LEU A 23 3.75 1.20 7.12
C LEU A 23 4.27 0.94 8.54
N PRO A 24 3.48 1.25 9.60
CA PRO A 24 3.92 1.03 10.99
C PRO A 24 4.14 -0.44 11.30
N VAL A 25 3.51 -1.30 10.51
CA VAL A 25 3.63 -2.74 10.70
C VAL A 25 5.00 -3.23 10.23
N LEU A 26 5.28 -3.02 8.95
CA LEU A 26 6.54 -3.46 8.36
C LEU A 26 7.73 -2.69 8.90
N CYS A 27 7.52 -1.43 9.25
CA CYS A 27 8.59 -0.60 9.78
C CYS A 27 8.95 -0.99 11.21
N GLN A 28 8.00 -1.62 11.91
CA GLN A 28 8.23 -2.03 13.28
C GLN A 28 8.71 -3.48 13.35
N ALA A 29 8.08 -4.34 12.54
CA ALA A 29 8.42 -5.76 12.52
C ALA A 29 9.84 -6.00 11.98
N HIS A 30 10.22 -5.25 10.96
CA HIS A 30 11.54 -5.41 10.37
C HIS A 30 12.24 -4.07 10.18
N GLY A 31 11.49 -3.08 9.73
CA GLY A 31 12.07 -1.76 9.53
C GLY A 31 12.65 -1.61 8.14
N LEU A 32 12.02 -2.24 7.15
CA LEU A 32 12.50 -2.17 5.77
C LEU A 32 11.45 -1.56 4.84
N THR A 33 10.21 -1.45 5.34
CA THR A 33 9.06 -0.91 4.60
C THR A 33 9.09 -1.29 3.09
N PRO A 34 8.87 -2.58 2.79
CA PRO A 34 8.87 -3.07 1.41
C PRO A 34 7.68 -2.55 0.61
N GLU A 35 6.66 -2.06 1.31
CA GLU A 35 5.47 -1.52 0.67
C GLU A 35 5.84 -0.30 -0.18
N GLN A 36 6.80 0.47 0.29
CA GLN A 36 7.25 1.66 -0.43
C GLN A 36 8.20 1.27 -1.55
N VAL A 37 8.43 -0.03 -1.70
CA VAL A 37 9.31 -0.55 -2.73
C VAL A 37 8.50 -1.21 -3.84
N VAL A 38 7.61 -2.13 -3.48
CA VAL A 38 6.83 -2.84 -4.48
C VAL A 38 5.41 -2.24 -4.67
N ALA A 39 4.70 -2.00 -3.57
CA ALA A 39 3.34 -1.46 -3.65
C ALA A 39 3.33 -0.10 -4.34
N ILE A 40 4.17 0.80 -3.88
CA ILE A 40 4.27 2.13 -4.47
C ILE A 40 4.66 2.04 -5.95
N ALA A 41 5.60 1.15 -6.24
CA ALA A 41 6.07 0.95 -7.60
C ALA A 41 4.94 0.43 -8.49
N SER A 42 4.12 -0.46 -7.95
CA SER A 42 3.00 -1.02 -8.69
C SER A 42 1.99 0.07 -9.06
N HIS A 43 1.77 1.01 -8.14
CA HIS A 43 0.83 2.10 -8.39
C HIS A 43 1.41 3.09 -9.40
N ASP A 44 2.69 3.38 -9.27
CA ASP A 44 3.38 4.30 -10.17
C ASP A 44 3.55 3.68 -11.55
N GLY A 45 4.25 2.56 -11.60
CA GLY A 45 4.48 1.89 -12.86
C GLY A 45 3.76 0.55 -12.91
N GLY A 46 2.70 0.50 -13.68
CA GLY A 46 1.93 -0.71 -13.79
C GLY A 46 0.44 -0.44 -13.70
N LYS A 47 0.01 0.00 -12.52
CA LYS A 47 -1.39 0.32 -12.28
C LYS A 47 -1.83 1.48 -13.16
N GLN A 48 -0.89 2.38 -13.45
CA GLN A 48 -1.18 3.54 -14.30
C GLN A 48 -1.52 3.10 -15.72
N ALA A 49 -0.84 2.04 -16.18
CA ALA A 49 -1.07 1.53 -17.53
C ALA A 49 -2.36 0.71 -17.60
N LEU A 50 -2.88 0.33 -16.44
CA LEU A 50 -4.12 -0.46 -16.37
C LEU A 50 -5.32 0.44 -16.10
N GLU A 51 -5.10 1.48 -15.29
CA GLU A 51 -6.14 2.43 -14.92
C GLU A 51 -7.27 1.74 -14.16
N GLU A 1 -11.69 -9.82 5.66
CA GLU A 1 -11.45 -8.42 5.28
C GLU A 1 -10.41 -7.80 6.19
N GLN A 2 -9.83 -6.68 5.77
CA GLN A 2 -8.82 -5.99 6.56
C GLN A 2 -8.87 -4.50 6.27
N VAL A 3 -8.52 -3.69 7.27
CA VAL A 3 -8.54 -2.23 7.13
C VAL A 3 -7.60 -1.77 6.02
N VAL A 4 -6.50 -2.50 5.83
CA VAL A 4 -5.52 -2.15 4.80
C VAL A 4 -6.05 -2.41 3.39
N ALA A 5 -7.25 -2.98 3.31
CA ALA A 5 -7.87 -3.26 2.03
C ALA A 5 -9.18 -2.49 1.89
N ILE A 6 -9.97 -2.48 2.96
CA ILE A 6 -11.25 -1.78 2.97
C ILE A 6 -11.03 -0.28 2.75
N ALA A 7 -10.13 0.29 3.55
CA ALA A 7 -9.83 1.72 3.45
C ALA A 7 -9.33 2.08 2.06
N SER A 8 -8.49 1.23 1.51
CA SER A 8 -7.93 1.43 0.19
C SER A 8 -8.98 1.25 -0.91
N ASN A 9 -9.96 0.40 -0.65
CA ASN A 9 -11.04 0.14 -1.61
C ASN A 9 -11.94 1.36 -1.74
N ILE A 10 -12.25 1.97 -0.60
CA ILE A 10 -13.09 3.16 -0.57
C ILE A 10 -12.28 4.40 -0.94
N GLY A 11 -11.03 4.45 -0.48
CA GLY A 11 -10.17 5.57 -0.77
C GLY A 11 -9.79 5.63 -2.24
N GLY A 12 -9.79 4.49 -2.90
CA GLY A 12 -9.46 4.43 -4.30
C GLY A 12 -8.01 4.03 -4.53
N LYS A 13 -7.15 4.34 -3.57
CA LYS A 13 -5.74 4.01 -3.68
C LYS A 13 -5.46 2.64 -3.07
N GLN A 14 -5.62 1.59 -3.87
CA GLN A 14 -5.40 0.22 -3.41
C GLN A 14 -3.91 -0.08 -3.20
N ALA A 15 -3.10 0.95 -3.15
CA ALA A 15 -1.67 0.81 -2.93
C ALA A 15 -1.16 1.87 -1.96
N LEU A 16 -1.53 3.12 -2.20
CA LEU A 16 -1.09 4.22 -1.36
C LEU A 16 -1.84 4.25 -0.02
N GLU A 17 -3.08 3.77 -0.01
CA GLU A 17 -3.86 3.75 1.23
C GLU A 17 -3.39 2.62 2.15
N THR A 18 -2.98 1.51 1.56
CA THR A 18 -2.53 0.36 2.32
C THR A 18 -1.10 0.56 2.85
N VAL A 19 -0.24 1.19 2.05
CA VAL A 19 1.14 1.42 2.46
C VAL A 19 1.20 2.37 3.65
N GLN A 20 0.21 3.25 3.73
CA GLN A 20 0.14 4.23 4.81
C GLN A 20 -0.09 3.54 6.16
N ARG A 21 -0.74 2.38 6.14
CA ARG A 21 -1.01 1.65 7.36
C ARG A 21 0.02 0.56 7.60
N LEU A 22 0.51 -0.05 6.52
CA LEU A 22 1.50 -1.12 6.63
C LEU A 22 2.88 -0.58 7.00
N LEU A 23 3.17 0.66 6.58
CA LEU A 23 4.47 1.29 6.86
C LEU A 23 4.84 1.25 8.35
N PRO A 24 4.00 1.81 9.26
CA PRO A 24 4.31 1.83 10.69
C PRO A 24 4.27 0.43 11.34
N VAL A 25 3.85 -0.56 10.57
CA VAL A 25 3.77 -1.92 11.07
C VAL A 25 5.01 -2.71 10.65
N LEU A 26 5.27 -2.73 9.35
CA LEU A 26 6.41 -3.47 8.83
C LEU A 26 7.74 -2.83 9.24
N CYS A 27 7.73 -1.52 9.42
CA CYS A 27 8.94 -0.82 9.85
C CYS A 27 9.22 -1.08 11.32
N GLN A 28 8.16 -1.32 12.08
CA GLN A 28 8.29 -1.59 13.50
C GLN A 28 8.75 -3.03 13.71
N ALA A 29 8.20 -3.94 12.93
CA ALA A 29 8.54 -5.35 13.02
C ALA A 29 9.90 -5.64 12.39
N HIS A 30 10.12 -5.15 11.18
CA HIS A 30 11.37 -5.37 10.47
C HIS A 30 12.16 -4.09 10.34
N GLY A 31 11.61 -3.12 9.62
CA GLY A 31 12.28 -1.85 9.42
C GLY A 31 12.78 -1.65 8.01
N LEU A 32 12.32 -2.50 7.09
CA LEU A 32 12.74 -2.40 5.69
C LEU A 32 11.57 -2.01 4.78
N THR A 33 10.37 -1.96 5.37
CA THR A 33 9.12 -1.60 4.67
C THR A 33 9.07 -2.10 3.21
N PRO A 34 8.66 -3.36 3.00
CA PRO A 34 8.57 -3.93 1.65
C PRO A 34 7.45 -3.31 0.84
N GLU A 35 6.40 -2.87 1.53
CA GLU A 35 5.25 -2.24 0.87
C GLU A 35 5.64 -0.91 0.23
N GLN A 36 6.64 -0.24 0.79
CA GLN A 36 7.10 1.03 0.26
C GLN A 36 7.82 0.81 -1.09
N VAL A 37 8.02 -0.45 -1.44
CA VAL A 37 8.68 -0.79 -2.68
C VAL A 37 7.70 -1.44 -3.65
N VAL A 38 7.15 -2.58 -3.25
CA VAL A 38 6.23 -3.33 -4.11
C VAL A 38 4.90 -2.61 -4.34
N ALA A 39 4.29 -2.07 -3.29
CA ALA A 39 3.01 -1.39 -3.43
C ALA A 39 3.16 -0.10 -4.23
N ILE A 40 4.21 0.65 -3.93
CA ILE A 40 4.48 1.89 -4.63
C ILE A 40 4.76 1.65 -6.10
N ALA A 41 5.62 0.66 -6.38
CA ALA A 41 5.99 0.32 -7.75
C ALA A 41 4.78 -0.17 -8.55
N SER A 42 3.88 -0.90 -7.89
CA SER A 42 2.69 -1.41 -8.56
C SER A 42 1.79 -0.26 -9.01
N HIS A 43 1.70 0.78 -8.19
CA HIS A 43 0.88 1.94 -8.54
C HIS A 43 1.63 2.79 -9.57
N ASP A 44 2.90 3.03 -9.32
CA ASP A 44 3.76 3.83 -10.20
C ASP A 44 3.77 3.26 -11.62
N GLY A 45 4.00 1.96 -11.72
CA GLY A 45 4.05 1.32 -13.01
C GLY A 45 3.12 0.12 -13.08
N GLY A 46 1.97 0.31 -13.68
CA GLY A 46 1.02 -0.78 -13.79
C GLY A 46 -0.40 -0.33 -13.52
N LYS A 47 -0.75 -0.21 -12.24
CA LYS A 47 -2.09 0.19 -11.84
C LYS A 47 -2.42 1.61 -12.30
N GLN A 48 -1.41 2.46 -12.36
CA GLN A 48 -1.62 3.85 -12.80
C GLN A 48 -2.13 3.90 -14.23
N ALA A 49 -1.91 2.83 -14.97
CA ALA A 49 -2.35 2.75 -16.35
C ALA A 49 -3.84 2.41 -16.44
N LEU A 50 -4.41 2.01 -15.32
CA LEU A 50 -5.82 1.66 -15.26
C LEU A 50 -6.60 2.68 -14.44
N GLU A 51 -5.96 3.21 -13.39
CA GLU A 51 -6.58 4.20 -12.52
C GLU A 51 -7.02 5.44 -13.30
N GLU A 1 -9.70 -9.42 0.74
CA GLU A 1 -10.04 -8.06 1.20
C GLU A 1 -9.62 -7.87 2.65
N GLN A 2 -8.38 -7.42 2.83
CA GLN A 2 -7.84 -7.18 4.17
C GLN A 2 -8.51 -5.96 4.79
N VAL A 3 -8.37 -5.83 6.10
CA VAL A 3 -8.96 -4.71 6.83
C VAL A 3 -8.46 -3.37 6.30
N VAL A 4 -7.19 -3.30 5.94
CA VAL A 4 -6.60 -2.06 5.43
C VAL A 4 -7.18 -1.72 4.06
N ALA A 5 -7.44 -2.76 3.26
CA ALA A 5 -7.98 -2.58 1.92
C ALA A 5 -9.37 -1.97 1.96
N ILE A 6 -10.16 -2.34 2.96
CA ILE A 6 -11.50 -1.80 3.12
C ILE A 6 -11.45 -0.29 3.32
N ALA A 7 -10.55 0.16 4.18
CA ALA A 7 -10.39 1.57 4.46
C ALA A 7 -9.78 2.29 3.26
N SER A 8 -8.84 1.62 2.60
CA SER A 8 -8.17 2.18 1.44
C SER A 8 -9.13 2.32 0.26
N ASN A 9 -10.12 1.43 0.20
CA ASN A 9 -11.12 1.48 -0.87
C ASN A 9 -11.96 2.75 -0.74
N ILE A 10 -12.25 3.11 0.50
CA ILE A 10 -13.02 4.32 0.79
C ILE A 10 -12.20 5.56 0.44
N GLY A 11 -10.89 5.44 0.62
CA GLY A 11 -10.00 6.55 0.32
C GLY A 11 -9.65 6.64 -1.15
N GLY A 12 -10.16 5.68 -1.94
CA GLY A 12 -9.91 5.68 -3.36
C GLY A 12 -8.55 5.09 -3.71
N LYS A 13 -7.52 5.66 -3.10
CA LYS A 13 -6.15 5.22 -3.34
C LYS A 13 -5.88 3.92 -2.59
N GLN A 14 -6.35 2.81 -3.16
CA GLN A 14 -6.19 1.49 -2.53
C GLN A 14 -4.72 1.17 -2.23
N ALA A 15 -3.82 1.59 -3.11
CA ALA A 15 -2.40 1.29 -2.93
C ALA A 15 -1.72 2.32 -2.02
N LEU A 16 -2.03 3.59 -2.19
CA LEU A 16 -1.41 4.64 -1.38
C LEU A 16 -1.93 4.67 0.04
N GLU A 17 -3.23 4.44 0.21
CA GLU A 17 -3.82 4.46 1.54
C GLU A 17 -3.34 3.26 2.36
N THR A 18 -3.16 2.12 1.70
CA THR A 18 -2.73 0.91 2.38
C THR A 18 -1.26 0.98 2.79
N VAL A 19 -0.43 1.61 1.94
CA VAL A 19 1.01 1.71 2.24
C VAL A 19 1.25 2.61 3.44
N GLN A 20 0.32 3.52 3.70
CA GLN A 20 0.44 4.44 4.83
C GLN A 20 0.23 3.71 6.15
N ARG A 21 -0.49 2.60 6.11
CA ARG A 21 -0.76 1.83 7.31
C ARG A 21 0.18 0.63 7.42
N LEU A 22 0.58 0.09 6.28
CA LEU A 22 1.47 -1.07 6.27
C LEU A 22 2.91 -0.64 6.57
N LEU A 23 3.22 0.63 6.27
CA LEU A 23 4.55 1.16 6.50
C LEU A 23 4.99 1.01 7.96
N PRO A 24 4.25 1.59 8.94
CA PRO A 24 4.62 1.49 10.36
C PRO A 24 4.68 0.05 10.85
N VAL A 25 3.71 -0.76 10.42
CA VAL A 25 3.63 -2.16 10.81
C VAL A 25 4.89 -2.90 10.37
N LEU A 26 5.20 -2.78 9.08
CA LEU A 26 6.37 -3.46 8.51
C LEU A 26 7.66 -2.87 9.07
N CYS A 27 7.63 -1.59 9.41
CA CYS A 27 8.82 -0.93 9.97
C CYS A 27 9.05 -1.37 11.40
N GLN A 28 7.98 -1.70 12.10
CA GLN A 28 8.06 -2.14 13.48
C GLN A 28 8.45 -3.61 13.55
N ALA A 29 7.83 -4.43 12.70
CA ALA A 29 8.09 -5.85 12.67
C ALA A 29 9.43 -6.18 12.02
N HIS A 30 9.64 -5.69 10.80
CA HIS A 30 10.88 -5.96 10.08
C HIS A 30 11.83 -4.78 10.13
N GLY A 31 11.31 -3.59 9.84
CA GLY A 31 12.14 -2.40 9.87
C GLY A 31 12.34 -1.80 8.49
N LEU A 32 12.82 -2.63 7.55
CA LEU A 32 13.08 -2.19 6.18
C LEU A 32 11.81 -1.74 5.48
N THR A 33 10.68 -2.36 5.84
CA THR A 33 9.37 -2.07 5.27
C THR A 33 9.43 -1.87 3.74
N PRO A 34 9.44 -2.98 2.99
CA PRO A 34 9.52 -2.96 1.52
C PRO A 34 8.22 -2.48 0.88
N GLU A 35 7.23 -2.16 1.71
CA GLU A 35 5.94 -1.69 1.22
C GLU A 35 6.11 -0.38 0.44
N GLN A 36 7.05 0.44 0.89
CA GLN A 36 7.33 1.71 0.23
C GLN A 36 8.10 1.49 -1.07
N VAL A 37 8.36 0.24 -1.38
CA VAL A 37 9.07 -0.12 -2.60
C VAL A 37 8.16 -0.88 -3.56
N VAL A 38 7.71 -2.06 -3.14
CA VAL A 38 6.87 -2.89 -3.99
C VAL A 38 5.48 -2.27 -4.24
N ALA A 39 4.82 -1.79 -3.19
CA ALA A 39 3.50 -1.19 -3.34
C ALA A 39 3.56 0.10 -4.12
N ILE A 40 4.57 0.92 -3.84
CA ILE A 40 4.74 2.19 -4.53
C ILE A 40 5.07 1.97 -6.01
N ALA A 41 6.01 1.08 -6.27
CA ALA A 41 6.41 0.77 -7.64
C ALA A 41 5.25 0.26 -8.46
N SER A 42 4.45 -0.63 -7.87
CA SER A 42 3.29 -1.20 -8.57
C SER A 42 2.22 -0.14 -8.79
N HIS A 43 2.17 0.84 -7.89
CA HIS A 43 1.20 1.93 -7.99
C HIS A 43 1.56 2.86 -9.14
N ASP A 44 2.85 3.17 -9.28
CA ASP A 44 3.30 4.06 -10.34
C ASP A 44 3.49 3.30 -11.65
N GLY A 45 3.82 2.03 -11.53
CA GLY A 45 4.02 1.19 -12.70
C GLY A 45 3.34 -0.16 -12.53
N GLY A 46 2.24 -0.34 -13.23
CA GLY A 46 1.50 -1.59 -13.14
C GLY A 46 0.02 -1.35 -12.97
N LYS A 47 -0.32 -0.51 -12.00
CA LYS A 47 -1.72 -0.17 -11.75
C LYS A 47 -2.07 1.17 -12.39
N GLN A 48 -1.44 1.43 -13.53
CA GLN A 48 -1.68 2.67 -14.26
C GLN A 48 -2.39 2.38 -15.56
N ALA A 49 -2.50 1.11 -15.90
CA ALA A 49 -3.18 0.70 -17.12
C ALA A 49 -4.40 -0.14 -16.80
N LEU A 50 -4.72 -0.25 -15.52
CA LEU A 50 -5.87 -1.02 -15.09
C LEU A 50 -7.03 -0.10 -14.74
N GLU A 51 -6.76 0.88 -13.88
CA GLU A 51 -7.76 1.84 -13.47
C GLU A 51 -7.44 3.22 -14.03
N GLU A 1 -13.06 -8.78 5.87
CA GLU A 1 -12.81 -7.34 5.69
C GLU A 1 -11.56 -6.93 6.47
N GLN A 2 -10.47 -6.71 5.75
CA GLN A 2 -9.21 -6.32 6.36
C GLN A 2 -9.17 -4.81 6.54
N VAL A 3 -8.44 -4.35 7.56
CA VAL A 3 -8.32 -2.93 7.86
C VAL A 3 -7.75 -2.16 6.67
N VAL A 4 -6.87 -2.80 5.91
CA VAL A 4 -6.25 -2.17 4.75
C VAL A 4 -7.26 -2.04 3.61
N ALA A 5 -8.20 -2.96 3.55
CA ALA A 5 -9.22 -2.95 2.51
C ALA A 5 -10.27 -1.90 2.82
N ILE A 6 -10.71 -1.87 4.08
CA ILE A 6 -11.72 -0.90 4.52
C ILE A 6 -11.26 0.53 4.23
N ALA A 7 -10.02 0.84 4.62
CA ALA A 7 -9.46 2.16 4.38
C ALA A 7 -9.40 2.46 2.88
N SER A 8 -9.03 1.45 2.10
CA SER A 8 -8.93 1.59 0.65
C SER A 8 -10.29 1.84 0.02
N ASN A 9 -11.31 1.17 0.55
CA ASN A 9 -12.68 1.30 0.03
C ASN A 9 -13.23 2.69 0.32
N ILE A 10 -12.70 3.34 1.34
CA ILE A 10 -13.14 4.68 1.70
C ILE A 10 -12.38 5.72 0.88
N GLY A 11 -11.09 5.52 0.75
CA GLY A 11 -10.26 6.45 -0.01
C GLY A 11 -10.44 6.28 -1.50
N GLY A 12 -10.07 5.13 -2.02
CA GLY A 12 -10.19 4.87 -3.45
C GLY A 12 -8.95 4.26 -4.04
N LYS A 13 -7.81 4.40 -3.36
CA LYS A 13 -6.56 3.85 -3.84
C LYS A 13 -6.17 2.64 -3.03
N GLN A 14 -6.53 1.47 -3.54
CA GLN A 14 -6.25 0.20 -2.88
C GLN A 14 -4.76 0.03 -2.56
N ALA A 15 -3.90 0.58 -3.41
CA ALA A 15 -2.47 0.46 -3.21
C ALA A 15 -1.94 1.49 -2.19
N LEU A 16 -2.34 2.74 -2.36
CA LEU A 16 -1.87 3.82 -1.48
C LEU A 16 -2.41 3.70 -0.06
N GLU A 17 -3.67 3.33 0.07
CA GLU A 17 -4.29 3.20 1.37
C GLU A 17 -3.73 1.99 2.13
N THR A 18 -3.46 0.92 1.41
CA THR A 18 -2.92 -0.29 2.02
C THR A 18 -1.47 -0.10 2.45
N VAL A 19 -0.66 0.54 1.60
CA VAL A 19 0.76 0.73 1.92
C VAL A 19 0.93 1.64 3.15
N GLN A 20 0.07 2.64 3.29
CA GLN A 20 0.14 3.55 4.42
C GLN A 20 -0.27 2.85 5.71
N ARG A 21 -1.15 1.87 5.58
CA ARG A 21 -1.64 1.13 6.74
C ARG A 21 -0.67 0.03 7.15
N LEU A 22 0.04 -0.55 6.18
CA LEU A 22 0.99 -1.61 6.47
C LEU A 22 2.38 -1.07 6.78
N LEU A 23 2.61 0.19 6.43
CA LEU A 23 3.89 0.83 6.67
C LEU A 23 4.34 0.72 8.13
N PRO A 24 3.50 1.13 9.11
CA PRO A 24 3.85 1.05 10.54
C PRO A 24 4.01 -0.39 11.04
N VAL A 25 3.61 -1.34 10.21
CA VAL A 25 3.71 -2.75 10.56
C VAL A 25 5.06 -3.31 10.10
N LEU A 26 5.37 -3.11 8.83
CA LEU A 26 6.62 -3.60 8.27
C LEU A 26 7.81 -2.79 8.77
N CYS A 27 7.59 -1.52 9.08
CA CYS A 27 8.67 -0.68 9.59
C CYS A 27 9.03 -1.09 11.02
N GLN A 28 8.14 -1.82 11.66
CA GLN A 28 8.36 -2.28 13.01
C GLN A 28 8.87 -3.72 13.00
N ALA A 29 8.27 -4.55 12.16
CA ALA A 29 8.66 -5.95 12.05
C ALA A 29 9.99 -6.12 11.32
N HIS A 30 10.29 -5.22 10.40
CA HIS A 30 11.53 -5.28 9.64
C HIS A 30 12.30 -3.96 9.73
N GLY A 31 11.62 -2.87 9.39
CA GLY A 31 12.27 -1.57 9.45
C GLY A 31 12.83 -1.13 8.11
N LEU A 32 13.08 -2.08 7.23
CA LEU A 32 13.62 -1.78 5.90
C LEU A 32 12.59 -1.09 5.01
N THR A 33 11.34 -1.10 5.45
CA THR A 33 10.22 -0.50 4.72
C THR A 33 10.22 -0.92 3.25
N PRO A 34 9.98 -2.22 2.98
CA PRO A 34 9.95 -2.74 1.62
C PRO A 34 8.60 -2.52 0.94
N GLU A 35 7.59 -2.21 1.74
CA GLU A 35 6.23 -1.98 1.26
C GLU A 35 6.19 -0.84 0.27
N GLN A 36 6.64 0.33 0.70
CA GLN A 36 6.65 1.53 -0.14
C GLN A 36 7.60 1.35 -1.33
N VAL A 37 8.45 0.35 -1.27
CA VAL A 37 9.38 0.10 -2.35
C VAL A 37 8.79 -0.83 -3.40
N VAL A 38 7.89 -1.72 -2.99
CA VAL A 38 7.28 -2.66 -3.94
C VAL A 38 5.85 -2.28 -4.28
N ALA A 39 5.05 -1.89 -3.28
CA ALA A 39 3.65 -1.53 -3.51
C ALA A 39 3.53 -0.29 -4.38
N ILE A 40 4.31 0.73 -4.06
CA ILE A 40 4.29 1.97 -4.83
C ILE A 40 4.81 1.70 -6.24
N ALA A 41 5.83 0.85 -6.34
CA ALA A 41 6.42 0.50 -7.63
C ALA A 41 5.46 -0.33 -8.48
N SER A 42 4.44 -0.89 -7.84
CA SER A 42 3.45 -1.67 -8.54
C SER A 42 2.42 -0.76 -9.19
N HIS A 43 2.08 0.32 -8.50
CA HIS A 43 1.10 1.29 -8.99
C HIS A 43 1.78 2.33 -9.89
N ASP A 44 2.77 3.02 -9.35
CA ASP A 44 3.47 4.07 -10.07
C ASP A 44 4.58 3.49 -10.94
N GLY A 45 4.54 2.19 -11.16
CA GLY A 45 5.53 1.55 -11.98
C GLY A 45 4.91 0.49 -12.87
N GLY A 46 3.62 0.67 -13.18
CA GLY A 46 2.92 -0.28 -14.02
C GLY A 46 1.42 -0.13 -13.94
N LYS A 47 0.85 -0.43 -12.77
CA LYS A 47 -0.60 -0.35 -12.58
C LYS A 47 -1.06 1.10 -12.42
N GLN A 48 -0.78 1.91 -13.42
CA GLN A 48 -1.18 3.31 -13.41
C GLN A 48 -1.84 3.67 -14.73
N ALA A 49 -1.56 2.86 -15.75
CA ALA A 49 -2.12 3.07 -17.08
C ALA A 49 -3.27 2.10 -17.32
N LEU A 50 -3.57 1.30 -16.30
CA LEU A 50 -4.64 0.31 -16.38
C LEU A 50 -5.87 0.78 -15.64
N GLU A 51 -5.81 1.99 -15.10
CA GLU A 51 -6.94 2.56 -14.37
C GLU A 51 -7.56 3.69 -15.16
N GLU A 1 -13.09 -8.92 5.44
CA GLU A 1 -12.89 -7.48 5.69
C GLU A 1 -11.69 -7.25 6.59
N GLN A 2 -10.85 -6.31 6.21
CA GLN A 2 -9.64 -5.97 6.96
C GLN A 2 -9.44 -4.47 6.96
N VAL A 3 -8.67 -3.96 7.90
CA VAL A 3 -8.41 -2.53 8.00
C VAL A 3 -7.75 -2.00 6.73
N VAL A 4 -6.93 -2.84 6.10
CA VAL A 4 -6.24 -2.45 4.87
C VAL A 4 -7.21 -2.34 3.70
N ALA A 5 -8.26 -3.14 3.74
CA ALA A 5 -9.26 -3.15 2.68
C ALA A 5 -10.28 -2.03 2.89
N ILE A 6 -10.74 -1.88 4.13
CA ILE A 6 -11.71 -0.85 4.47
C ILE A 6 -11.16 0.54 4.13
N ALA A 7 -9.89 0.75 4.44
CA ALA A 7 -9.24 2.03 4.15
C ALA A 7 -9.24 2.30 2.65
N SER A 8 -8.87 1.28 1.87
CA SER A 8 -8.82 1.40 0.42
C SER A 8 -10.23 1.61 -0.16
N ASN A 9 -11.22 1.09 0.53
CA ASN A 9 -12.61 1.22 0.08
C ASN A 9 -13.06 2.67 0.15
N ILE A 10 -12.70 3.35 1.22
CA ILE A 10 -13.08 4.75 1.41
C ILE A 10 -12.12 5.68 0.66
N GLY A 11 -10.86 5.28 0.58
CA GLY A 11 -9.85 6.08 -0.11
C GLY A 11 -9.99 6.00 -1.61
N GLY A 12 -9.80 4.81 -2.15
CA GLY A 12 -9.90 4.62 -3.58
C GLY A 12 -8.64 4.04 -4.20
N LYS A 13 -7.51 4.27 -3.56
CA LYS A 13 -6.23 3.78 -4.07
C LYS A 13 -5.76 2.60 -3.23
N GLN A 14 -5.93 1.40 -3.78
CA GLN A 14 -5.54 0.17 -3.09
C GLN A 14 -4.06 0.18 -2.72
N ALA A 15 -3.22 0.53 -3.69
CA ALA A 15 -1.78 0.54 -3.49
C ALA A 15 -1.29 1.75 -2.69
N LEU A 16 -2.20 2.56 -2.18
CA LEU A 16 -1.81 3.73 -1.39
C LEU A 16 -2.43 3.70 0.00
N GLU A 17 -3.65 3.22 0.08
CA GLU A 17 -4.33 3.13 1.37
C GLU A 17 -3.79 1.94 2.16
N THR A 18 -3.59 0.83 1.46
CA THR A 18 -3.07 -0.38 2.07
C THR A 18 -1.62 -0.20 2.52
N VAL A 19 -0.82 0.49 1.72
CA VAL A 19 0.58 0.70 2.05
C VAL A 19 0.74 1.58 3.30
N GLN A 20 -0.17 2.53 3.47
CA GLN A 20 -0.12 3.40 4.64
C GLN A 20 -0.47 2.63 5.91
N ARG A 21 -1.36 1.67 5.78
CA ARG A 21 -1.81 0.87 6.91
C ARG A 21 -0.77 -0.19 7.28
N LEU A 22 -0.07 -0.73 6.28
CA LEU A 22 0.93 -1.76 6.53
C LEU A 22 2.31 -1.19 6.80
N LEU A 23 2.50 0.08 6.47
CA LEU A 23 3.78 0.76 6.69
C LEU A 23 4.24 0.65 8.15
N PRO A 24 3.41 1.11 9.13
CA PRO A 24 3.80 1.04 10.56
C PRO A 24 3.92 -0.40 11.08
N VAL A 25 3.61 -1.37 10.22
CA VAL A 25 3.69 -2.77 10.59
C VAL A 25 5.04 -3.34 10.15
N LEU A 26 5.34 -3.20 8.87
CA LEU A 26 6.59 -3.71 8.31
C LEU A 26 7.77 -2.89 8.80
N CYS A 27 7.57 -1.59 9.00
CA CYS A 27 8.64 -0.72 9.47
C CYS A 27 8.92 -0.97 10.95
N GLN A 28 7.94 -1.57 11.64
CA GLN A 28 8.09 -1.87 13.05
C GLN A 28 8.78 -3.21 13.25
N ALA A 29 8.35 -4.20 12.49
CA ALA A 29 8.94 -5.54 12.58
C ALA A 29 10.32 -5.58 11.95
N HIS A 30 10.48 -4.89 10.83
CA HIS A 30 11.76 -4.86 10.13
C HIS A 30 12.33 -3.44 10.11
N GLY A 31 11.75 -2.57 9.30
CA GLY A 31 12.22 -1.21 9.20
C GLY A 31 12.72 -0.86 7.81
N LEU A 32 13.06 -1.88 7.03
CA LEU A 32 13.55 -1.69 5.66
C LEU A 32 12.50 -1.06 4.76
N THR A 33 11.25 -1.08 5.22
CA THR A 33 10.10 -0.54 4.48
C THR A 33 10.07 -1.06 3.04
N PRO A 34 9.85 -2.37 2.86
CA PRO A 34 9.80 -2.98 1.54
C PRO A 34 8.42 -2.87 0.90
N GLU A 35 7.45 -2.44 1.71
CA GLU A 35 6.08 -2.28 1.26
C GLU A 35 6.01 -1.23 0.16
N GLN A 36 6.47 -0.02 0.50
CA GLN A 36 6.47 1.09 -0.44
C GLN A 36 7.35 0.78 -1.64
N VAL A 37 8.37 -0.04 -1.43
CA VAL A 37 9.30 -0.42 -2.49
C VAL A 37 8.59 -1.22 -3.59
N VAL A 38 7.71 -2.13 -3.20
CA VAL A 38 7.01 -2.96 -4.17
C VAL A 38 5.61 -2.43 -4.50
N ALA A 39 4.88 -1.98 -3.49
CA ALA A 39 3.52 -1.48 -3.69
C ALA A 39 3.49 -0.26 -4.59
N ILE A 40 4.27 0.76 -4.25
CA ILE A 40 4.32 1.99 -5.04
C ILE A 40 4.89 1.72 -6.43
N ALA A 41 5.88 0.85 -6.50
CA ALA A 41 6.49 0.50 -7.79
C ALA A 41 5.50 -0.22 -8.70
N SER A 42 4.58 -0.96 -8.09
CA SER A 42 3.58 -1.69 -8.86
C SER A 42 2.44 -0.75 -9.29
N HIS A 43 2.35 0.39 -8.62
CA HIS A 43 1.30 1.36 -8.92
C HIS A 43 1.83 2.43 -9.87
N ASP A 44 2.84 3.17 -9.42
CA ASP A 44 3.42 4.26 -10.21
C ASP A 44 4.39 3.71 -11.24
N GLY A 45 4.48 2.39 -11.34
CA GLY A 45 5.35 1.76 -12.30
C GLY A 45 4.67 0.60 -12.97
N GLY A 46 3.35 0.61 -12.96
CA GLY A 46 2.58 -0.46 -13.56
C GLY A 46 1.10 -0.13 -13.64
N LYS A 47 0.41 -0.31 -12.52
CA LYS A 47 -1.01 -0.02 -12.44
C LYS A 47 -1.23 1.49 -12.30
N GLN A 48 -0.77 2.24 -13.28
CA GLN A 48 -0.90 3.69 -13.29
C GLN A 48 -1.74 4.14 -14.48
N ALA A 49 -1.59 3.44 -15.59
CA ALA A 49 -2.33 3.75 -16.80
C ALA A 49 -3.36 2.67 -17.07
N LEU A 50 -3.52 1.77 -16.12
CA LEU A 50 -4.48 0.67 -16.25
C LEU A 50 -5.66 0.90 -15.31
N GLU A 51 -5.72 2.10 -14.74
CA GLU A 51 -6.80 2.44 -13.83
C GLU A 51 -7.17 3.91 -14.01
N GLU A 1 -13.21 -8.47 5.17
CA GLU A 1 -12.43 -7.33 4.62
C GLU A 1 -11.50 -6.79 5.69
N GLN A 2 -10.21 -6.80 5.38
CA GLN A 2 -9.19 -6.32 6.30
C GLN A 2 -9.06 -4.80 6.23
N VAL A 3 -8.34 -4.23 7.19
CA VAL A 3 -8.15 -2.77 7.27
C VAL A 3 -7.59 -2.19 5.97
N VAL A 4 -6.63 -2.86 5.37
CA VAL A 4 -6.02 -2.37 4.14
C VAL A 4 -7.01 -2.37 2.97
N ALA A 5 -8.08 -3.15 3.10
CA ALA A 5 -9.10 -3.22 2.06
C ALA A 5 -10.21 -2.22 2.31
N ILE A 6 -10.52 -1.97 3.59
CA ILE A 6 -11.56 -1.02 3.95
C ILE A 6 -11.08 0.41 3.72
N ALA A 7 -9.84 0.68 4.14
CA ALA A 7 -9.26 2.01 3.98
C ALA A 7 -9.17 2.40 2.51
N SER A 8 -8.83 1.44 1.66
CA SER A 8 -8.68 1.69 0.24
C SER A 8 -10.04 1.80 -0.44
N ASN A 9 -11.02 1.09 0.09
CA ASN A 9 -12.37 1.12 -0.47
C ASN A 9 -12.97 2.52 -0.34
N ILE A 10 -12.63 3.20 0.74
CA ILE A 10 -13.12 4.55 0.98
C ILE A 10 -12.19 5.58 0.33
N GLY A 11 -10.88 5.36 0.46
CA GLY A 11 -9.91 6.27 -0.09
C GLY A 11 -9.93 6.30 -1.61
N GLY A 12 -9.98 5.13 -2.23
CA GLY A 12 -9.97 5.05 -3.68
C GLY A 12 -8.64 4.63 -4.24
N LYS A 13 -7.64 4.57 -3.38
CA LYS A 13 -6.30 4.18 -3.78
C LYS A 13 -5.87 2.93 -3.02
N GLN A 14 -6.02 1.77 -3.66
CA GLN A 14 -5.69 0.50 -3.04
C GLN A 14 -4.21 0.39 -2.68
N ALA A 15 -3.34 0.66 -3.64
CA ALA A 15 -1.91 0.57 -3.41
C ALA A 15 -1.39 1.64 -2.45
N LEU A 16 -2.02 2.81 -2.48
CA LEU A 16 -1.56 3.90 -1.62
C LEU A 16 -2.10 3.76 -0.20
N GLU A 17 -3.34 3.32 -0.06
CA GLU A 17 -3.92 3.14 1.26
C GLU A 17 -3.27 1.95 1.95
N THR A 18 -2.94 0.93 1.17
CA THR A 18 -2.32 -0.26 1.71
C THR A 18 -0.87 0.00 2.10
N VAL A 19 -0.17 0.86 1.36
CA VAL A 19 1.22 1.16 1.67
C VAL A 19 1.32 2.04 2.91
N GLN A 20 0.30 2.86 3.13
CA GLN A 20 0.27 3.76 4.27
C GLN A 20 -0.15 2.99 5.52
N ARG A 21 -1.02 2.02 5.35
CA ARG A 21 -1.51 1.22 6.47
C ARG A 21 -0.49 0.14 6.86
N LEU A 22 0.19 -0.42 5.88
CA LEU A 22 1.17 -1.46 6.14
C LEU A 22 2.52 -0.86 6.50
N LEU A 23 2.65 0.45 6.36
CA LEU A 23 3.89 1.14 6.68
C LEU A 23 4.27 0.97 8.15
N PRO A 24 3.39 1.35 9.12
CA PRO A 24 3.70 1.20 10.55
C PRO A 24 3.83 -0.26 10.97
N VAL A 25 3.40 -1.16 10.10
CA VAL A 25 3.48 -2.59 10.37
C VAL A 25 4.84 -3.12 9.94
N LEU A 26 5.19 -2.86 8.68
CA LEU A 26 6.45 -3.31 8.12
C LEU A 26 7.64 -2.62 8.77
N CYS A 27 7.45 -1.37 9.20
CA CYS A 27 8.53 -0.63 9.82
C CYS A 27 8.74 -1.11 11.26
N GLN A 28 7.70 -1.69 11.84
CA GLN A 28 7.79 -2.20 13.20
C GLN A 28 8.30 -3.63 13.21
N ALA A 29 7.77 -4.44 12.30
CA ALA A 29 8.16 -5.84 12.19
C ALA A 29 9.56 -5.98 11.61
N HIS A 30 9.90 -5.14 10.64
CA HIS A 30 11.20 -5.20 10.00
C HIS A 30 11.93 -3.87 10.15
N GLY A 31 11.32 -2.82 9.61
CA GLY A 31 11.93 -1.51 9.67
C GLY A 31 12.33 -1.01 8.30
N LEU A 32 12.51 -1.93 7.39
CA LEU A 32 12.90 -1.62 6.03
C LEU A 32 11.75 -1.00 5.23
N THR A 33 10.54 -1.44 5.55
CA THR A 33 9.33 -0.96 4.86
C THR A 33 9.43 -1.21 3.34
N PRO A 34 9.42 -2.49 2.92
CA PRO A 34 9.53 -2.86 1.50
C PRO A 34 8.33 -2.39 0.69
N GLU A 35 7.20 -2.16 1.36
CA GLU A 35 5.99 -1.71 0.69
C GLU A 35 6.22 -0.38 -0.02
N GLN A 36 7.14 0.41 0.51
CA GLN A 36 7.45 1.72 -0.08
C GLN A 36 8.19 1.54 -1.41
N VAL A 37 8.53 0.31 -1.73
CA VAL A 37 9.22 0.01 -2.97
C VAL A 37 8.38 -0.91 -3.84
N VAL A 38 8.14 -2.13 -3.38
CA VAL A 38 7.38 -3.11 -4.14
C VAL A 38 5.96 -2.64 -4.47
N ALA A 39 5.24 -2.11 -3.48
CA ALA A 39 3.88 -1.65 -3.71
C ALA A 39 3.84 -0.37 -4.54
N ILE A 40 4.71 0.57 -4.20
CA ILE A 40 4.76 1.84 -4.91
C ILE A 40 5.15 1.65 -6.37
N ALA A 41 6.20 0.87 -6.61
CA ALA A 41 6.67 0.63 -7.98
C ALA A 41 5.61 -0.07 -8.83
N SER A 42 4.95 -1.07 -8.26
CA SER A 42 3.92 -1.81 -8.99
C SER A 42 2.70 -0.93 -9.26
N HIS A 43 2.51 0.09 -8.43
CA HIS A 43 1.37 0.99 -8.59
C HIS A 43 1.65 2.04 -9.66
N ASP A 44 2.72 2.79 -9.50
CA ASP A 44 3.04 3.85 -10.46
C ASP A 44 3.59 3.30 -11.76
N GLY A 45 4.53 2.37 -11.66
CA GLY A 45 5.13 1.80 -12.85
C GLY A 45 4.45 0.53 -13.31
N GLY A 46 3.16 0.41 -13.03
CA GLY A 46 2.44 -0.78 -13.42
C GLY A 46 0.93 -0.56 -13.50
N LYS A 47 0.27 -0.74 -12.36
CA LYS A 47 -1.18 -0.58 -12.28
C LYS A 47 -1.60 0.88 -12.13
N GLN A 48 -0.89 1.79 -12.78
CA GLN A 48 -1.23 3.20 -12.68
C GLN A 48 -2.56 3.47 -13.36
N ALA A 49 -2.67 3.10 -14.63
CA ALA A 49 -3.89 3.31 -15.39
C ALA A 49 -4.95 2.29 -15.02
N LEU A 50 -4.57 1.32 -14.19
CA LEU A 50 -5.49 0.28 -13.77
C LEU A 50 -6.05 0.59 -12.38
N GLU A 51 -5.58 1.67 -11.79
CA GLU A 51 -6.03 2.08 -10.47
C GLU A 51 -6.53 3.52 -10.52
N GLU A 1 -11.29 -9.52 3.90
CA GLU A 1 -11.07 -8.05 3.83
C GLU A 1 -10.50 -7.54 5.15
N GLN A 2 -9.18 -7.43 5.20
CA GLN A 2 -8.50 -6.94 6.40
C GLN A 2 -8.68 -5.43 6.55
N VAL A 3 -8.20 -4.89 7.67
CA VAL A 3 -8.33 -3.46 7.95
C VAL A 3 -7.67 -2.60 6.87
N VAL A 4 -6.52 -3.00 6.38
CA VAL A 4 -5.83 -2.23 5.35
C VAL A 4 -6.53 -2.36 4.01
N ALA A 5 -7.32 -3.41 3.84
CA ALA A 5 -8.05 -3.62 2.60
C ALA A 5 -9.26 -2.71 2.52
N ILE A 6 -10.05 -2.69 3.59
CA ILE A 6 -11.25 -1.86 3.64
C ILE A 6 -10.87 -0.37 3.60
N ALA A 7 -9.78 -0.02 4.28
CA ALA A 7 -9.32 1.37 4.32
C ALA A 7 -8.93 1.86 2.93
N SER A 8 -8.18 1.02 2.21
CA SER A 8 -7.74 1.38 0.87
C SER A 8 -8.90 1.41 -0.11
N ASN A 9 -9.83 0.47 0.04
CA ASN A 9 -11.00 0.39 -0.83
C ASN A 9 -11.89 1.62 -0.67
N ILE A 10 -12.23 1.94 0.56
CA ILE A 10 -13.08 3.10 0.85
C ILE A 10 -12.32 4.40 0.57
N GLY A 11 -11.00 4.36 0.74
CA GLY A 11 -10.18 5.52 0.50
C GLY A 11 -10.05 5.83 -0.98
N GLY A 12 -9.91 4.80 -1.79
CA GLY A 12 -9.77 4.98 -3.22
C GLY A 12 -8.41 4.59 -3.72
N LYS A 13 -7.39 4.78 -2.89
CA LYS A 13 -6.03 4.45 -3.26
C LYS A 13 -5.70 3.04 -2.78
N GLN A 14 -6.15 2.06 -3.55
CA GLN A 14 -5.96 0.64 -3.24
C GLN A 14 -4.50 0.29 -2.92
N ALA A 15 -3.61 0.54 -3.88
CA ALA A 15 -2.20 0.21 -3.70
C ALA A 15 -1.38 1.32 -3.05
N LEU A 16 -2.04 2.29 -2.43
CA LEU A 16 -1.32 3.39 -1.79
C LEU A 16 -1.71 3.53 -0.33
N GLU A 17 -2.97 3.26 -0.02
CA GLU A 17 -3.45 3.37 1.36
C GLU A 17 -2.89 2.22 2.20
N THR A 18 -2.75 1.05 1.57
CA THR A 18 -2.22 -0.12 2.25
C THR A 18 -0.80 0.13 2.75
N VAL A 19 0.06 0.67 1.89
CA VAL A 19 1.44 0.95 2.26
C VAL A 19 1.50 2.08 3.29
N GLN A 20 0.57 3.01 3.18
CA GLN A 20 0.52 4.14 4.08
C GLN A 20 0.11 3.71 5.49
N ARG A 21 -0.76 2.72 5.57
CA ARG A 21 -1.24 2.23 6.86
C ARG A 21 -0.30 1.17 7.44
N LEU A 22 0.30 0.36 6.58
CA LEU A 22 1.21 -0.69 7.02
C LEU A 22 2.61 -0.17 7.27
N LEU A 23 2.88 1.05 6.79
CA LEU A 23 4.19 1.67 6.96
C LEU A 23 4.63 1.70 8.42
N PRO A 24 3.86 2.35 9.33
CA PRO A 24 4.24 2.45 10.75
C PRO A 24 4.33 1.08 11.42
N VAL A 25 3.60 0.11 10.88
CA VAL A 25 3.60 -1.24 11.43
C VAL A 25 4.87 -1.99 11.07
N LEU A 26 5.15 -2.07 9.77
CA LEU A 26 6.33 -2.78 9.30
C LEU A 26 7.62 -2.07 9.70
N CYS A 27 7.57 -0.75 9.77
CA CYS A 27 8.76 0.02 10.15
C CYS A 27 9.11 -0.21 11.61
N GLN A 28 8.08 -0.37 12.45
CA GLN A 28 8.30 -0.61 13.86
C GLN A 28 8.59 -2.09 14.12
N ALA A 29 8.04 -2.94 13.27
CA ALA A 29 8.23 -4.38 13.39
C ALA A 29 9.61 -4.82 12.92
N HIS A 30 9.96 -4.49 11.68
CA HIS A 30 11.25 -4.90 11.13
C HIS A 30 12.08 -3.71 10.64
N GLY A 31 11.40 -2.69 10.13
CA GLY A 31 12.09 -1.52 9.64
C GLY A 31 12.40 -1.59 8.15
N LEU A 32 11.62 -2.40 7.43
CA LEU A 32 11.83 -2.54 6.00
C LEU A 32 10.61 -2.06 5.22
N THR A 33 9.48 -2.73 5.44
CA THR A 33 8.22 -2.38 4.77
C THR A 33 8.30 -2.69 3.26
N PRO A 34 8.10 -3.97 2.89
CA PRO A 34 8.17 -4.41 1.49
C PRO A 34 7.15 -3.72 0.56
N GLU A 35 6.04 -3.25 1.11
CA GLU A 35 5.01 -2.58 0.31
C GLU A 35 5.55 -1.30 -0.32
N GLN A 36 6.61 -0.73 0.29
CA GLN A 36 7.21 0.50 -0.23
C GLN A 36 7.95 0.23 -1.54
N VAL A 37 8.01 -1.03 -1.93
CA VAL A 37 8.69 -1.42 -3.16
C VAL A 37 7.71 -2.04 -4.15
N VAL A 38 7.17 -3.20 -3.77
CA VAL A 38 6.26 -3.94 -4.63
C VAL A 38 4.95 -3.17 -4.92
N ALA A 39 4.26 -2.72 -3.88
CA ALA A 39 2.99 -2.01 -4.07
C ALA A 39 3.17 -0.72 -4.86
N ILE A 40 4.23 0.01 -4.53
CA ILE A 40 4.52 1.27 -5.22
C ILE A 40 4.79 1.03 -6.70
N ALA A 41 5.67 0.07 -6.98
CA ALA A 41 6.04 -0.26 -8.36
C ALA A 41 4.83 -0.72 -9.17
N SER A 42 4.03 -1.60 -8.60
CA SER A 42 2.85 -2.12 -9.29
C SER A 42 1.86 -1.02 -9.63
N HIS A 43 1.77 0.01 -8.79
CA HIS A 43 0.84 1.10 -9.02
C HIS A 43 1.45 2.19 -9.89
N ASP A 44 2.71 2.53 -9.64
CA ASP A 44 3.38 3.59 -10.38
C ASP A 44 3.80 3.13 -11.78
N GLY A 45 4.29 1.90 -11.89
CA GLY A 45 4.71 1.40 -13.18
C GLY A 45 3.64 0.60 -13.89
N GLY A 46 2.56 0.30 -13.19
CA GLY A 46 1.50 -0.48 -13.79
C GLY A 46 0.16 0.24 -13.81
N LYS A 47 -0.47 0.35 -12.66
CA LYS A 47 -1.79 0.97 -12.54
C LYS A 47 -1.74 2.50 -12.61
N GLN A 48 -0.77 3.06 -13.32
CA GLN A 48 -0.66 4.50 -13.45
C GLN A 48 -1.45 4.98 -14.65
N ALA A 49 -1.41 4.19 -15.72
CA ALA A 49 -2.14 4.53 -16.93
C ALA A 49 -3.52 3.90 -16.92
N LEU A 50 -3.68 2.89 -16.06
CA LEU A 50 -4.95 2.18 -15.94
C LEU A 50 -5.95 2.96 -15.08
N GLU A 51 -5.47 3.50 -13.96
CA GLU A 51 -6.32 4.26 -13.07
C GLU A 51 -6.21 5.75 -13.36
N GLU A 1 -12.11 -8.77 3.88
CA GLU A 1 -11.97 -7.31 4.07
C GLU A 1 -11.08 -7.02 5.28
N GLN A 2 -9.78 -6.94 5.04
CA GLN A 2 -8.83 -6.66 6.11
C GLN A 2 -8.73 -5.17 6.37
N VAL A 3 -7.99 -4.80 7.41
CA VAL A 3 -7.82 -3.39 7.79
C VAL A 3 -7.20 -2.56 6.66
N VAL A 4 -6.28 -3.15 5.91
CA VAL A 4 -5.63 -2.45 4.80
C VAL A 4 -6.41 -2.62 3.51
N ALA A 5 -7.68 -2.96 3.63
CA ALA A 5 -8.54 -3.14 2.48
C ALA A 5 -9.76 -2.23 2.59
N ILE A 6 -10.46 -2.32 3.74
CA ILE A 6 -11.66 -1.51 3.96
C ILE A 6 -11.37 -0.01 3.90
N ALA A 7 -10.17 0.39 4.32
CA ALA A 7 -9.81 1.80 4.30
C ALA A 7 -9.15 2.19 2.99
N SER A 8 -8.45 1.25 2.38
CA SER A 8 -7.75 1.51 1.13
C SER A 8 -8.70 1.51 -0.07
N ASN A 9 -9.55 0.49 -0.17
CA ASN A 9 -10.49 0.39 -1.28
C ASN A 9 -11.55 1.48 -1.20
N ILE A 10 -12.11 1.67 -0.01
CA ILE A 10 -13.14 2.68 0.20
C ILE A 10 -12.53 4.09 0.11
N GLY A 11 -11.24 4.19 0.46
CA GLY A 11 -10.56 5.47 0.40
C GLY A 11 -10.12 5.81 -1.01
N GLY A 12 -10.43 4.93 -1.96
CA GLY A 12 -10.08 5.16 -3.35
C GLY A 12 -8.64 4.80 -3.66
N LYS A 13 -7.72 5.32 -2.85
CA LYS A 13 -6.30 5.06 -3.05
C LYS A 13 -5.90 3.73 -2.43
N GLN A 14 -6.36 2.64 -3.03
CA GLN A 14 -6.08 1.30 -2.53
C GLN A 14 -4.57 1.02 -2.50
N ALA A 15 -3.88 1.37 -3.59
CA ALA A 15 -2.45 1.12 -3.70
C ALA A 15 -1.63 2.17 -2.95
N LEU A 16 -2.28 2.98 -2.12
CA LEU A 16 -1.58 4.00 -1.36
C LEU A 16 -1.84 3.84 0.13
N GLU A 17 -3.09 3.59 0.49
CA GLU A 17 -3.46 3.41 1.88
C GLU A 17 -2.88 2.12 2.44
N THR A 18 -2.75 1.11 1.57
CA THR A 18 -2.21 -0.17 1.98
C THR A 18 -0.75 -0.06 2.43
N VAL A 19 0.02 0.79 1.76
CA VAL A 19 1.43 0.96 2.10
C VAL A 19 1.58 1.91 3.30
N GLN A 20 0.71 2.91 3.37
CA GLN A 20 0.73 3.87 4.47
C GLN A 20 0.32 3.20 5.79
N ARG A 21 -0.65 2.30 5.68
CA ARG A 21 -1.16 1.59 6.84
C ARG A 21 -0.17 0.54 7.34
N LEU A 22 0.54 -0.10 6.41
CA LEU A 22 1.50 -1.14 6.78
C LEU A 22 2.89 -0.56 7.03
N LEU A 23 3.04 0.73 6.75
CA LEU A 23 4.33 1.39 6.92
C LEU A 23 4.81 1.32 8.38
N PRO A 24 4.04 1.87 9.36
CA PRO A 24 4.46 1.83 10.77
C PRO A 24 4.62 0.40 11.29
N VAL A 25 3.76 -0.47 10.80
CA VAL A 25 3.78 -1.87 11.19
C VAL A 25 5.10 -2.52 10.80
N LEU A 26 5.44 -2.42 9.52
CA LEU A 26 6.68 -3.01 9.01
C LEU A 26 7.91 -2.29 9.57
N CYS A 27 7.78 -0.98 9.79
CA CYS A 27 8.88 -0.20 10.33
C CYS A 27 9.24 -0.64 11.74
N GLN A 28 8.22 -0.94 12.55
CA GLN A 28 8.46 -1.37 13.92
C GLN A 28 8.78 -2.86 13.97
N ALA A 29 8.11 -3.63 13.12
CA ALA A 29 8.32 -5.08 13.07
C ALA A 29 9.76 -5.43 12.74
N HIS A 30 10.31 -4.85 11.68
CA HIS A 30 11.67 -5.14 11.29
C HIS A 30 12.39 -3.91 10.74
N GLY A 31 11.63 -2.90 10.31
CA GLY A 31 12.24 -1.70 9.78
C GLY A 31 12.60 -1.83 8.32
N LEU A 32 11.94 -2.75 7.64
CA LEU A 32 12.20 -2.98 6.22
C LEU A 32 11.17 -2.27 5.35
N THR A 33 9.90 -2.61 5.56
CA THR A 33 8.79 -2.02 4.82
C THR A 33 8.93 -2.24 3.32
N PRO A 34 8.85 -3.50 2.85
CA PRO A 34 8.97 -3.81 1.42
C PRO A 34 7.71 -3.39 0.65
N GLU A 35 6.68 -3.02 1.42
CA GLU A 35 5.41 -2.59 0.86
C GLU A 35 5.61 -1.38 -0.06
N GLN A 36 6.50 -0.48 0.34
CA GLN A 36 6.78 0.72 -0.45
C GLN A 36 7.59 0.40 -1.70
N VAL A 37 8.04 -0.83 -1.81
CA VAL A 37 8.84 -1.24 -2.96
C VAL A 37 8.00 -2.03 -3.95
N VAL A 38 6.92 -2.64 -3.47
CA VAL A 38 6.06 -3.44 -4.33
C VAL A 38 4.75 -2.72 -4.68
N ALA A 39 4.12 -2.12 -3.68
CA ALA A 39 2.85 -1.40 -3.88
C ALA A 39 3.07 -0.09 -4.64
N ILE A 40 4.05 0.67 -4.20
CA ILE A 40 4.36 1.95 -4.84
C ILE A 40 4.79 1.73 -6.28
N ALA A 41 5.55 0.66 -6.51
CA ALA A 41 6.04 0.32 -7.84
C ALA A 41 4.90 0.04 -8.81
N SER A 42 3.96 -0.80 -8.39
CA SER A 42 2.83 -1.16 -9.25
C SER A 42 1.90 0.04 -9.46
N HIS A 43 1.72 0.83 -8.40
CA HIS A 43 0.86 2.01 -8.47
C HIS A 43 1.45 3.07 -9.40
N ASP A 44 2.75 3.30 -9.26
CA ASP A 44 3.44 4.29 -10.08
C ASP A 44 3.65 3.79 -11.50
N GLY A 45 4.08 2.54 -11.62
CA GLY A 45 4.31 1.95 -12.93
C GLY A 45 3.50 0.69 -13.13
N GLY A 46 2.46 0.78 -13.94
CA GLY A 46 1.63 -0.37 -14.20
C GLY A 46 0.16 -0.06 -14.03
N LYS A 47 -0.26 0.16 -12.78
CA LYS A 47 -1.66 0.46 -12.48
C LYS A 47 -2.10 1.73 -13.17
N GLN A 48 -1.18 2.68 -13.33
CA GLN A 48 -1.49 3.94 -14.00
C GLN A 48 -1.91 3.70 -15.45
N ALA A 49 -1.44 2.60 -16.03
CA ALA A 49 -1.76 2.26 -17.41
C ALA A 49 -3.06 1.46 -17.48
N LEU A 50 -3.62 1.19 -16.31
CA LEU A 50 -4.87 0.45 -16.22
C LEU A 50 -5.99 1.37 -15.76
N GLU A 51 -5.63 2.30 -14.89
CA GLU A 51 -6.57 3.28 -14.32
C GLU A 51 -7.52 2.60 -13.36
N GLU A 1 -11.85 -9.77 5.27
CA GLU A 1 -11.20 -8.53 4.79
C GLU A 1 -10.16 -8.04 5.81
N GLN A 2 -9.67 -6.82 5.60
CA GLN A 2 -8.67 -6.24 6.49
C GLN A 2 -8.82 -4.72 6.50
N VAL A 3 -8.41 -4.09 7.60
CA VAL A 3 -8.51 -2.64 7.76
C VAL A 3 -7.73 -1.90 6.69
N VAL A 4 -6.60 -2.47 6.26
CA VAL A 4 -5.77 -1.85 5.25
C VAL A 4 -6.39 -1.96 3.85
N ALA A 5 -7.46 -2.75 3.74
CA ALA A 5 -8.14 -2.94 2.47
C ALA A 5 -9.43 -2.12 2.40
N ILE A 6 -10.19 -2.08 3.49
CA ILE A 6 -11.43 -1.32 3.53
C ILE A 6 -11.14 0.17 3.37
N ALA A 7 -9.99 0.59 3.87
CA ALA A 7 -9.59 1.99 3.80
C ALA A 7 -9.30 2.38 2.35
N SER A 8 -8.69 1.47 1.61
CA SER A 8 -8.35 1.72 0.21
C SER A 8 -9.59 1.71 -0.67
N ASN A 9 -10.55 0.86 -0.30
CA ASN A 9 -11.80 0.76 -1.05
C ASN A 9 -12.53 2.10 -1.05
N ILE A 10 -12.56 2.73 0.12
CA ILE A 10 -13.23 4.02 0.26
C ILE A 10 -12.31 5.16 -0.21
N GLY A 11 -11.01 4.99 0.04
CA GLY A 11 -10.03 5.99 -0.35
C GLY A 11 -9.97 6.16 -1.85
N GLY A 12 -9.77 5.06 -2.57
CA GLY A 12 -9.71 5.12 -4.01
C GLY A 12 -8.46 4.47 -4.58
N LYS A 13 -7.46 4.26 -3.74
CA LYS A 13 -6.21 3.67 -4.19
C LYS A 13 -5.88 2.42 -3.36
N GLN A 14 -5.97 1.26 -4.02
CA GLN A 14 -5.72 -0.02 -3.37
C GLN A 14 -4.22 -0.25 -3.17
N ALA A 15 -3.41 0.66 -3.67
CA ALA A 15 -1.96 0.54 -3.53
C ALA A 15 -1.37 1.74 -2.83
N LEU A 16 -2.21 2.56 -2.21
CA LEU A 16 -1.75 3.74 -1.48
C LEU A 16 -2.27 3.75 -0.04
N GLU A 17 -3.58 3.56 0.12
CA GLU A 17 -4.17 3.53 1.46
C GLU A 17 -3.63 2.33 2.23
N THR A 18 -3.43 1.23 1.51
CA THR A 18 -2.93 0.00 2.08
C THR A 18 -1.49 0.17 2.59
N VAL A 19 -0.60 0.63 1.72
CA VAL A 19 0.80 0.84 2.09
C VAL A 19 0.93 1.86 3.22
N GLN A 20 0.07 2.86 3.22
CA GLN A 20 0.08 3.90 4.24
C GLN A 20 -0.20 3.31 5.61
N ARG A 21 -0.99 2.25 5.66
CA ARG A 21 -1.33 1.61 6.92
C ARG A 21 -0.41 0.42 7.22
N LEU A 22 0.28 -0.06 6.19
CA LEU A 22 1.20 -1.17 6.36
C LEU A 22 2.58 -0.70 6.80
N LEU A 23 2.92 0.52 6.36
CA LEU A 23 4.22 1.12 6.69
C LEU A 23 4.51 1.11 8.20
N PRO A 24 3.59 1.64 9.07
CA PRO A 24 3.82 1.66 10.52
C PRO A 24 3.86 0.25 11.12
N VAL A 25 3.59 -0.75 10.31
CA VAL A 25 3.59 -2.13 10.77
C VAL A 25 4.90 -2.82 10.36
N LEU A 26 5.19 -2.83 9.07
CA LEU A 26 6.38 -3.46 8.54
C LEU A 26 7.64 -2.71 8.96
N CYS A 27 7.56 -1.38 9.00
CA CYS A 27 8.71 -0.58 9.38
C CYS A 27 8.97 -0.71 10.89
N GLN A 28 7.95 -1.11 11.63
CA GLN A 28 8.08 -1.28 13.07
C GLN A 28 8.63 -2.66 13.37
N ALA A 29 8.14 -3.66 12.66
CA ALA A 29 8.56 -5.04 12.86
C ALA A 29 9.99 -5.27 12.38
N HIS A 30 10.31 -4.78 11.18
CA HIS A 30 11.66 -4.95 10.64
C HIS A 30 12.31 -3.61 10.31
N GLY A 31 11.57 -2.76 9.61
CA GLY A 31 12.11 -1.46 9.24
C GLY A 31 12.63 -1.40 7.82
N LEU A 32 12.32 -2.42 7.03
CA LEU A 32 12.77 -2.46 5.65
C LEU A 32 11.68 -2.01 4.69
N THR A 33 10.48 -1.76 5.23
CA THR A 33 9.30 -1.31 4.47
C THR A 33 9.28 -1.86 3.03
N PRO A 34 8.92 -3.14 2.86
CA PRO A 34 8.86 -3.79 1.55
C PRO A 34 7.69 -3.26 0.71
N GLU A 35 6.61 -2.89 1.39
CA GLU A 35 5.42 -2.37 0.73
C GLU A 35 5.73 -1.10 -0.07
N GLN A 36 6.70 -0.31 0.41
CA GLN A 36 7.05 0.92 -0.27
C GLN A 36 7.88 0.68 -1.53
N VAL A 37 8.40 -0.54 -1.70
CA VAL A 37 9.20 -0.84 -2.87
C VAL A 37 8.51 -1.83 -3.80
N VAL A 38 7.45 -2.50 -3.33
CA VAL A 38 6.75 -3.45 -4.17
C VAL A 38 5.32 -2.98 -4.48
N ALA A 39 4.58 -2.55 -3.46
CA ALA A 39 3.21 -2.09 -3.66
C ALA A 39 3.22 -0.74 -4.36
N ILE A 40 4.03 0.18 -3.86
CA ILE A 40 4.15 1.50 -4.45
C ILE A 40 4.63 1.40 -5.89
N ALA A 41 5.61 0.53 -6.12
CA ALA A 41 6.18 0.33 -7.45
C ALA A 41 5.12 -0.18 -8.42
N SER A 42 4.30 -1.13 -7.99
CA SER A 42 3.25 -1.68 -8.84
C SER A 42 2.25 -0.61 -9.24
N HIS A 43 2.00 0.34 -8.35
CA HIS A 43 1.06 1.42 -8.63
C HIS A 43 1.73 2.51 -9.46
N ASP A 44 3.00 2.77 -9.16
CA ASP A 44 3.76 3.80 -9.87
C ASP A 44 4.02 3.39 -11.32
N GLY A 45 4.49 2.17 -11.51
CA GLY A 45 4.77 1.68 -12.84
C GLY A 45 3.93 0.47 -13.20
N GLY A 46 2.78 0.70 -13.81
CA GLY A 46 1.91 -0.39 -14.22
C GLY A 46 0.45 -0.08 -13.98
N LYS A 47 0.05 -0.11 -12.71
CA LYS A 47 -1.33 0.15 -12.32
C LYS A 47 -1.65 1.65 -12.35
N GLN A 48 -0.63 2.46 -12.63
CA GLN A 48 -0.79 3.91 -12.68
C GLN A 48 -1.86 4.33 -13.68
N ALA A 49 -1.87 3.69 -14.84
CA ALA A 49 -2.84 4.01 -15.88
C ALA A 49 -4.02 3.03 -15.84
N LEU A 50 -4.16 2.34 -14.72
CA LEU A 50 -5.24 1.37 -14.55
C LEU A 50 -6.10 1.72 -13.34
N GLU A 51 -5.49 2.30 -12.33
CA GLU A 51 -6.20 2.68 -11.12
C GLU A 51 -6.65 4.14 -11.21
N GLU A 1 -12.33 -9.45 4.96
CA GLU A 1 -11.80 -8.10 4.69
C GLU A 1 -10.84 -7.68 5.80
N GLN A 2 -9.97 -6.73 5.50
CA GLN A 2 -9.00 -6.26 6.47
C GLN A 2 -8.95 -4.74 6.47
N VAL A 3 -8.28 -4.16 7.46
CA VAL A 3 -8.17 -2.71 7.58
C VAL A 3 -7.46 -2.09 6.38
N VAL A 4 -6.45 -2.80 5.86
CA VAL A 4 -5.69 -2.33 4.72
C VAL A 4 -6.41 -2.61 3.41
N ALA A 5 -7.69 -2.92 3.50
CA ALA A 5 -8.52 -3.21 2.34
C ALA A 5 -9.76 -2.32 2.33
N ILE A 6 -10.45 -2.27 3.46
CA ILE A 6 -11.67 -1.46 3.57
C ILE A 6 -11.35 0.03 3.42
N ALA A 7 -10.26 0.47 4.05
CA ALA A 7 -9.85 1.87 3.97
C ALA A 7 -9.50 2.24 2.55
N SER A 8 -8.78 1.36 1.88
CA SER A 8 -8.36 1.58 0.50
C SER A 8 -9.58 1.63 -0.43
N ASN A 9 -10.59 0.83 -0.11
CA ASN A 9 -11.82 0.79 -0.90
C ASN A 9 -12.52 2.14 -0.85
N ILE A 10 -12.45 2.80 0.30
CA ILE A 10 -13.07 4.11 0.48
C ILE A 10 -12.16 5.20 -0.07
N GLY A 11 -10.86 5.06 0.18
CA GLY A 11 -9.90 6.04 -0.28
C GLY A 11 -9.85 6.13 -1.80
N GLY A 12 -9.91 4.99 -2.46
CA GLY A 12 -9.89 4.96 -3.91
C GLY A 12 -8.64 4.30 -4.46
N LYS A 13 -7.53 4.43 -3.73
CA LYS A 13 -6.27 3.86 -4.18
C LYS A 13 -5.94 2.60 -3.39
N GLN A 14 -6.18 1.46 -4.03
CA GLN A 14 -5.94 0.16 -3.42
C GLN A 14 -4.47 -0.05 -3.05
N ALA A 15 -3.57 0.57 -3.79
CA ALA A 15 -2.14 0.39 -3.53
C ALA A 15 -1.53 1.54 -2.74
N LEU A 16 -2.29 2.58 -2.45
CA LEU A 16 -1.75 3.72 -1.72
C LEU A 16 -2.29 3.77 -0.29
N GLU A 17 -3.57 3.51 -0.13
CA GLU A 17 -4.17 3.54 1.21
C GLU A 17 -3.68 2.35 2.04
N THR A 18 -3.26 1.30 1.35
CA THR A 18 -2.78 0.09 2.02
C THR A 18 -1.34 0.27 2.52
N VAL A 19 -0.50 0.96 1.75
CA VAL A 19 0.90 1.15 2.12
C VAL A 19 1.04 2.11 3.30
N GLN A 20 0.17 3.12 3.36
CA GLN A 20 0.20 4.09 4.43
C GLN A 20 -0.12 3.44 5.78
N ARG A 21 -0.84 2.34 5.74
CA ARG A 21 -1.24 1.63 6.95
C ARG A 21 -0.29 0.46 7.23
N LEU A 22 0.31 -0.09 6.18
CA LEU A 22 1.23 -1.21 6.33
C LEU A 22 2.63 -0.76 6.75
N LEU A 23 3.06 0.38 6.22
CA LEU A 23 4.37 0.94 6.51
C LEU A 23 4.69 0.97 8.02
N PRO A 24 3.83 1.58 8.86
CA PRO A 24 4.09 1.64 10.31
C PRO A 24 4.19 0.27 10.97
N VAL A 25 3.62 -0.74 10.34
CA VAL A 25 3.65 -2.09 10.87
C VAL A 25 4.92 -2.80 10.47
N LEU A 26 5.24 -2.74 9.18
CA LEU A 26 6.44 -3.39 8.65
C LEU A 26 7.70 -2.70 9.16
N CYS A 27 7.62 -1.39 9.38
CA CYS A 27 8.75 -0.64 9.89
C CYS A 27 8.92 -0.83 11.39
N GLN A 28 7.86 -1.29 12.05
CA GLN A 28 7.89 -1.51 13.49
C GLN A 28 8.46 -2.89 13.81
N ALA A 29 8.19 -3.86 12.94
CA ALA A 29 8.67 -5.22 13.14
C ALA A 29 9.97 -5.50 12.39
N HIS A 30 10.24 -4.73 11.35
CA HIS A 30 11.45 -4.93 10.57
C HIS A 30 12.16 -3.60 10.31
N GLY A 31 11.55 -2.75 9.50
CA GLY A 31 12.15 -1.46 9.21
C GLY A 31 12.68 -1.36 7.78
N LEU A 32 12.29 -2.30 6.92
CA LEU A 32 12.75 -2.28 5.54
C LEU A 32 11.63 -1.86 4.60
N THR A 33 10.40 -1.83 5.13
CA THR A 33 9.19 -1.45 4.40
C THR A 33 9.18 -1.98 2.95
N PRO A 34 8.84 -3.25 2.76
CA PRO A 34 8.80 -3.88 1.44
C PRO A 34 7.74 -3.27 0.54
N GLU A 35 6.62 -2.86 1.13
CA GLU A 35 5.52 -2.26 0.38
C GLU A 35 5.96 -0.95 -0.28
N GLN A 36 6.94 -0.28 0.32
CA GLN A 36 7.43 0.97 -0.22
C GLN A 36 8.20 0.75 -1.51
N VAL A 37 8.80 -0.43 -1.66
CA VAL A 37 9.57 -0.73 -2.86
C VAL A 37 8.80 -1.59 -3.86
N VAL A 38 7.80 -2.35 -3.40
CA VAL A 38 7.04 -3.20 -4.33
C VAL A 38 5.62 -2.68 -4.58
N ALA A 39 4.87 -2.39 -3.52
CA ALA A 39 3.50 -1.91 -3.67
C ALA A 39 3.48 -0.54 -4.34
N ILE A 40 4.36 0.34 -3.88
CA ILE A 40 4.46 1.67 -4.44
C ILE A 40 4.85 1.58 -5.92
N ALA A 41 5.77 0.67 -6.21
CA ALA A 41 6.24 0.46 -7.57
C ALA A 41 5.11 -0.02 -8.47
N SER A 42 4.21 -0.80 -7.90
CA SER A 42 3.07 -1.32 -8.65
C SER A 42 2.16 -0.19 -9.09
N HIS A 43 1.81 0.70 -8.16
CA HIS A 43 0.96 1.83 -8.46
C HIS A 43 1.70 2.84 -9.33
N ASP A 44 3.00 2.99 -9.08
CA ASP A 44 3.82 3.91 -9.84
C ASP A 44 3.98 3.47 -11.29
N GLY A 45 4.25 2.18 -11.49
CA GLY A 45 4.44 1.66 -12.82
C GLY A 45 3.60 0.42 -13.07
N GLY A 46 2.66 0.53 -14.01
CA GLY A 46 1.79 -0.59 -14.33
C GLY A 46 0.35 -0.34 -13.94
N LYS A 47 0.12 -0.23 -12.64
CA LYS A 47 -1.23 -0.01 -12.12
C LYS A 47 -1.63 1.46 -12.25
N GLN A 48 -0.65 2.34 -12.48
CA GLN A 48 -0.91 3.77 -12.63
C GLN A 48 -1.93 4.03 -13.73
N ALA A 49 -1.83 3.29 -14.83
CA ALA A 49 -2.73 3.46 -15.95
C ALA A 49 -3.96 2.56 -15.84
N LEU A 50 -4.07 1.83 -14.72
CA LEU A 50 -5.20 0.93 -14.51
C LEU A 50 -5.95 1.28 -13.22
N GLU A 51 -5.65 2.45 -12.67
CA GLU A 51 -6.30 2.91 -11.45
C GLU A 51 -7.07 4.20 -11.72
N GLU A 1 -12.28 -8.79 3.72
CA GLU A 1 -11.63 -7.48 3.94
C GLU A 1 -10.68 -7.54 5.13
N GLN A 2 -9.94 -6.46 5.33
CA GLN A 2 -9.00 -6.36 6.43
C GLN A 2 -8.67 -4.89 6.65
N VAL A 3 -7.73 -4.59 7.54
CA VAL A 3 -7.39 -3.19 7.83
C VAL A 3 -6.98 -2.42 6.58
N VAL A 4 -6.24 -3.05 5.68
CA VAL A 4 -5.81 -2.38 4.46
C VAL A 4 -6.93 -2.27 3.44
N ALA A 5 -7.94 -3.12 3.58
CA ALA A 5 -9.07 -3.12 2.66
C ALA A 5 -10.13 -2.11 3.09
N ILE A 6 -10.33 -1.97 4.40
CA ILE A 6 -11.30 -1.03 4.91
C ILE A 6 -10.86 0.40 4.61
N ALA A 7 -9.57 0.66 4.82
CA ALA A 7 -9.00 1.98 4.56
C ALA A 7 -9.08 2.33 3.07
N SER A 8 -8.83 1.35 2.22
CA SER A 8 -8.87 1.57 0.78
C SER A 8 -10.31 1.66 0.28
N ASN A 9 -11.23 1.03 1.01
CA ASN A 9 -12.65 1.06 0.64
C ASN A 9 -13.19 2.47 0.79
N ILE A 10 -12.54 3.25 1.65
CA ILE A 10 -12.94 4.64 1.89
C ILE A 10 -12.16 5.59 0.99
N GLY A 11 -10.88 5.27 0.77
CA GLY A 11 -10.04 6.10 -0.07
C GLY A 11 -10.27 5.90 -1.55
N GLY A 12 -10.36 4.65 -1.97
CA GLY A 12 -10.58 4.34 -3.37
C GLY A 12 -9.32 3.89 -4.08
N LYS A 13 -8.18 3.99 -3.40
CA LYS A 13 -6.91 3.59 -3.98
C LYS A 13 -6.27 2.49 -3.14
N GLN A 14 -6.51 1.25 -3.51
CA GLN A 14 -5.98 0.10 -2.78
C GLN A 14 -4.46 0.09 -2.78
N ALA A 15 -3.86 0.54 -3.88
CA ALA A 15 -2.42 0.55 -4.02
C ALA A 15 -1.77 1.73 -3.32
N LEU A 16 -2.57 2.57 -2.66
CA LEU A 16 -2.05 3.73 -1.97
C LEU A 16 -2.47 3.73 -0.50
N GLU A 17 -3.71 3.38 -0.23
CA GLU A 17 -4.21 3.34 1.15
C GLU A 17 -3.52 2.23 1.92
N THR A 18 -3.15 1.16 1.22
CA THR A 18 -2.47 0.03 1.83
C THR A 18 -1.04 0.37 2.22
N VAL A 19 -0.39 1.20 1.41
CA VAL A 19 1.00 1.59 1.67
C VAL A 19 1.10 2.43 2.94
N GLN A 20 0.00 3.06 3.33
CA GLN A 20 -0.03 3.88 4.53
C GLN A 20 -0.54 3.09 5.73
N ARG A 21 -1.15 1.94 5.46
CA ARG A 21 -1.69 1.11 6.51
C ARG A 21 -0.68 0.05 6.94
N LEU A 22 0.07 -0.49 5.99
CA LEU A 22 1.06 -1.51 6.29
C LEU A 22 2.40 -0.91 6.67
N LEU A 23 2.62 0.35 6.28
CA LEU A 23 3.88 1.02 6.58
C LEU A 23 4.23 0.99 8.08
N PRO A 24 3.33 1.48 8.97
CA PRO A 24 3.58 1.46 10.43
C PRO A 24 3.68 0.05 11.00
N VAL A 25 3.31 -0.93 10.21
CA VAL A 25 3.37 -2.32 10.62
C VAL A 25 4.73 -2.93 10.28
N LEU A 26 5.13 -2.78 9.03
CA LEU A 26 6.39 -3.34 8.55
C LEU A 26 7.59 -2.55 9.05
N CYS A 27 7.39 -1.28 9.36
CA CYS A 27 8.49 -0.45 9.86
C CYS A 27 8.89 -0.88 11.26
N GLN A 28 7.92 -1.36 12.03
CA GLN A 28 8.16 -1.79 13.39
C GLN A 28 8.38 -3.29 13.47
N ALA A 29 8.04 -4.01 12.41
CA ALA A 29 8.22 -5.46 12.39
C ALA A 29 9.46 -5.85 11.60
N HIS A 30 10.05 -4.89 10.90
CA HIS A 30 11.25 -5.13 10.10
C HIS A 30 12.08 -3.86 10.00
N GLY A 31 11.47 -2.83 9.40
CA GLY A 31 12.17 -1.56 9.26
C GLY A 31 12.55 -1.27 7.81
N LEU A 32 12.52 -2.30 6.97
CA LEU A 32 12.87 -2.14 5.56
C LEU A 32 11.73 -1.50 4.77
N THR A 33 10.51 -1.66 5.29
CA THR A 33 9.29 -1.12 4.66
C THR A 33 9.23 -1.44 3.16
N PRO A 34 8.94 -2.70 2.81
CA PRO A 34 8.85 -3.14 1.42
C PRO A 34 7.64 -2.54 0.69
N GLU A 35 6.77 -1.88 1.45
CA GLU A 35 5.57 -1.25 0.90
C GLU A 35 5.93 -0.28 -0.21
N GLN A 36 6.91 0.56 0.04
CA GLN A 36 7.35 1.55 -0.95
C GLN A 36 8.24 0.91 -2.00
N VAL A 37 8.56 -0.36 -1.82
CA VAL A 37 9.44 -1.06 -2.75
C VAL A 37 8.63 -1.94 -3.73
N VAL A 38 7.59 -2.59 -3.25
CA VAL A 38 6.77 -3.45 -4.12
C VAL A 38 5.43 -2.82 -4.46
N ALA A 39 4.69 -2.36 -3.46
CA ALA A 39 3.38 -1.76 -3.68
C ALA A 39 3.48 -0.48 -4.48
N ILE A 40 4.29 0.46 -4.01
CA ILE A 40 4.48 1.73 -4.69
C ILE A 40 5.04 1.52 -6.10
N ALA A 41 5.97 0.57 -6.21
CA ALA A 41 6.60 0.27 -7.49
C ALA A 41 5.56 -0.17 -8.51
N SER A 42 4.72 -1.11 -8.12
CA SER A 42 3.68 -1.62 -9.01
C SER A 42 2.60 -0.55 -9.24
N HIS A 43 2.37 0.28 -8.24
CA HIS A 43 1.37 1.34 -8.33
C HIS A 43 1.81 2.40 -9.35
N ASP A 44 3.04 2.86 -9.23
CA ASP A 44 3.56 3.88 -10.13
C ASP A 44 3.95 3.27 -11.47
N GLY A 45 4.68 2.17 -11.42
CA GLY A 45 5.11 1.51 -12.64
C GLY A 45 4.25 0.34 -13.01
N GLY A 46 3.03 0.63 -13.44
CA GLY A 46 2.11 -0.42 -13.83
C GLY A 46 0.66 -0.06 -13.60
N LYS A 47 0.26 0.05 -12.33
CA LYS A 47 -1.11 0.39 -11.98
C LYS A 47 -1.47 1.78 -12.49
N GLN A 48 -0.45 2.59 -12.74
CA GLN A 48 -0.65 3.94 -13.25
C GLN A 48 -1.42 3.93 -14.57
N ALA A 49 -1.15 2.92 -15.39
CA ALA A 49 -1.80 2.79 -16.68
C ALA A 49 -3.10 2.00 -16.56
N LEU A 50 -3.25 1.29 -15.45
CA LEU A 50 -4.44 0.48 -15.20
C LEU A 50 -5.52 1.32 -14.52
N GLU A 51 -5.07 2.21 -13.64
CA GLU A 51 -5.97 3.09 -12.89
C GLU A 51 -6.91 2.26 -12.03
N GLU A 1 -12.17 -9.15 4.60
CA GLU A 1 -12.36 -7.86 5.31
C GLU A 1 -11.18 -7.60 6.23
N GLN A 2 -10.58 -6.42 6.11
CA GLN A 2 -9.43 -6.07 6.93
C GLN A 2 -9.19 -4.56 6.86
N VAL A 3 -8.42 -4.04 7.82
CA VAL A 3 -8.12 -2.61 7.88
C VAL A 3 -7.53 -2.09 6.58
N VAL A 4 -6.67 -2.89 5.95
CA VAL A 4 -6.03 -2.51 4.70
C VAL A 4 -7.05 -2.39 3.58
N ALA A 5 -8.10 -3.20 3.65
CA ALA A 5 -9.14 -3.20 2.63
C ALA A 5 -10.16 -2.10 2.91
N ILE A 6 -10.55 -1.97 4.18
CA ILE A 6 -11.53 -0.96 4.59
C ILE A 6 -11.03 0.44 4.22
N ALA A 7 -9.80 0.73 4.61
CA ALA A 7 -9.19 2.03 4.31
C ALA A 7 -9.11 2.27 2.81
N SER A 8 -8.73 1.23 2.08
CA SER A 8 -8.60 1.32 0.64
C SER A 8 -9.95 1.51 -0.04
N ASN A 9 -10.97 0.84 0.48
CA ASN A 9 -12.32 0.95 -0.08
C ASN A 9 -12.86 2.36 0.06
N ILE A 10 -12.66 2.96 1.22
CA ILE A 10 -13.13 4.31 1.48
C ILE A 10 -12.22 5.33 0.81
N GLY A 11 -10.92 5.03 0.78
CA GLY A 11 -9.96 5.94 0.18
C GLY A 11 -10.09 5.97 -1.34
N GLY A 12 -10.08 4.81 -1.95
CA GLY A 12 -10.19 4.72 -3.39
C GLY A 12 -8.88 4.37 -4.06
N LYS A 13 -7.82 4.29 -3.28
CA LYS A 13 -6.50 3.97 -3.80
C LYS A 13 -5.88 2.83 -2.98
N GLN A 14 -6.17 1.60 -3.38
CA GLN A 14 -5.67 0.42 -2.68
C GLN A 14 -4.16 0.48 -2.44
N ALA A 15 -3.40 0.66 -3.50
CA ALA A 15 -1.94 0.70 -3.41
C ALA A 15 -1.43 1.84 -2.50
N LEU A 16 -2.19 2.91 -2.39
CA LEU A 16 -1.78 4.05 -1.57
C LEU A 16 -2.25 3.90 -0.12
N GLU A 17 -3.44 3.36 0.06
CA GLU A 17 -3.99 3.18 1.40
C GLU A 17 -3.30 2.00 2.10
N THR A 18 -2.98 0.96 1.33
CA THR A 18 -2.33 -0.22 1.88
C THR A 18 -0.90 0.10 2.34
N VAL A 19 -0.18 0.87 1.54
CA VAL A 19 1.21 1.21 1.86
C VAL A 19 1.29 2.05 3.13
N GLN A 20 0.31 2.92 3.34
CA GLN A 20 0.28 3.78 4.53
C GLN A 20 -0.06 2.98 5.78
N ARG A 21 -0.69 1.83 5.59
CA ARG A 21 -1.10 0.98 6.70
C ARG A 21 -0.05 -0.09 7.00
N LEU A 22 0.51 -0.70 5.96
CA LEU A 22 1.50 -1.76 6.16
C LEU A 22 2.88 -1.21 6.50
N LEU A 23 3.14 0.03 6.11
CA LEU A 23 4.44 0.66 6.38
C LEU A 23 4.81 0.59 7.88
N PRO A 24 3.97 1.13 8.79
CA PRO A 24 4.25 1.10 10.23
C PRO A 24 4.34 -0.33 10.75
N VAL A 25 3.50 -1.21 10.19
CA VAL A 25 3.48 -2.61 10.59
C VAL A 25 4.82 -3.28 10.28
N LEU A 26 5.31 -3.07 9.07
CA LEU A 26 6.57 -3.66 8.65
C LEU A 26 7.75 -2.96 9.33
N CYS A 27 7.54 -1.70 9.72
CA CYS A 27 8.57 -0.93 10.41
C CYS A 27 8.84 -1.54 11.78
N GLN A 28 7.77 -1.93 12.47
CA GLN A 28 7.90 -2.53 13.79
C GLN A 28 8.35 -3.98 13.66
N ALA A 29 7.97 -4.62 12.55
CA ALA A 29 8.32 -6.01 12.30
C ALA A 29 9.79 -6.15 11.90
N HIS A 30 10.21 -5.40 10.90
CA HIS A 30 11.60 -5.46 10.43
C HIS A 30 12.26 -4.08 10.46
N GLY A 31 11.61 -3.10 9.84
CA GLY A 31 12.17 -1.76 9.82
C GLY A 31 12.51 -1.29 8.42
N LEU A 32 12.67 -2.24 7.50
CA LEU A 32 13.01 -1.93 6.13
C LEU A 32 11.79 -1.45 5.36
N THR A 33 10.64 -2.05 5.69
CA THR A 33 9.35 -1.74 5.05
C THR A 33 9.46 -1.53 3.53
N PRO A 34 9.49 -2.64 2.78
CA PRO A 34 9.61 -2.59 1.31
C PRO A 34 8.29 -2.18 0.65
N GLU A 35 7.28 -1.92 1.47
CA GLU A 35 5.97 -1.51 0.99
C GLU A 35 6.10 -0.22 0.20
N GLN A 36 7.00 0.64 0.65
CA GLN A 36 7.24 1.92 0.00
C GLN A 36 7.90 1.73 -1.37
N VAL A 37 8.21 0.49 -1.69
CA VAL A 37 8.84 0.16 -2.96
C VAL A 37 7.88 -0.67 -3.83
N VAL A 38 7.46 -1.82 -3.31
CA VAL A 38 6.58 -2.71 -4.06
C VAL A 38 5.20 -2.11 -4.32
N ALA A 39 4.60 -1.50 -3.30
CA ALA A 39 3.28 -0.90 -3.45
C ALA A 39 3.33 0.35 -4.31
N ILE A 40 4.36 1.15 -4.12
CA ILE A 40 4.52 2.39 -4.88
C ILE A 40 4.78 2.09 -6.35
N ALA A 41 5.67 1.12 -6.61
CA ALA A 41 5.98 0.74 -7.99
C ALA A 41 4.75 0.25 -8.72
N SER A 42 3.95 -0.55 -8.03
CA SER A 42 2.72 -1.09 -8.60
C SER A 42 1.68 0.01 -8.82
N HIS A 43 1.83 1.11 -8.09
CA HIS A 43 0.91 2.23 -8.22
C HIS A 43 1.35 3.18 -9.32
N ASP A 44 2.64 3.49 -9.34
CA ASP A 44 3.19 4.41 -10.33
C ASP A 44 3.35 3.77 -11.71
N GLY A 45 4.07 2.66 -11.77
CA GLY A 45 4.31 2.00 -13.05
C GLY A 45 3.31 0.90 -13.35
N GLY A 46 2.56 0.48 -12.36
CA GLY A 46 1.59 -0.58 -12.57
C GLY A 46 0.21 -0.07 -12.92
N LYS A 47 -0.36 0.73 -12.03
CA LYS A 47 -1.70 1.27 -12.22
C LYS A 47 -1.83 2.08 -13.51
N GLN A 48 -0.77 2.78 -13.91
CA GLN A 48 -0.81 3.60 -15.12
C GLN A 48 -0.97 2.75 -16.39
N ALA A 49 -0.82 1.44 -16.25
CA ALA A 49 -0.98 0.54 -17.39
C ALA A 49 -2.34 -0.15 -17.35
N LEU A 50 -3.16 0.26 -16.39
CA LEU A 50 -4.50 -0.30 -16.23
C LEU A 50 -5.53 0.81 -16.18
N GLU A 51 -5.23 1.84 -15.39
CA GLU A 51 -6.12 2.97 -15.23
C GLU A 51 -5.90 3.96 -16.37
N GLU A 1 -12.08 -9.04 4.69
CA GLU A 1 -12.24 -7.94 5.67
C GLU A 1 -10.93 -7.67 6.40
N GLN A 2 -10.43 -6.46 6.26
CA GLN A 2 -9.18 -6.06 6.90
C GLN A 2 -9.01 -4.55 6.83
N VAL A 3 -8.28 -3.97 7.78
CA VAL A 3 -8.06 -2.52 7.82
C VAL A 3 -7.44 -2.00 6.53
N VAL A 4 -6.55 -2.79 5.92
CA VAL A 4 -5.90 -2.40 4.68
C VAL A 4 -6.90 -2.33 3.53
N ALA A 5 -8.00 -3.05 3.67
CA ALA A 5 -9.03 -3.08 2.65
C ALA A 5 -10.08 -2.00 2.91
N ILE A 6 -10.49 -1.89 4.18
CA ILE A 6 -11.49 -0.91 4.57
C ILE A 6 -11.01 0.51 4.26
N ALA A 7 -9.76 0.80 4.63
CA ALA A 7 -9.17 2.10 4.38
C ALA A 7 -9.06 2.35 2.88
N SER A 8 -8.78 1.29 2.14
CA SER A 8 -8.64 1.38 0.69
C SER A 8 -9.99 1.61 0.02
N ASN A 9 -11.02 0.92 0.50
CA ASN A 9 -12.36 1.05 -0.04
C ASN A 9 -12.88 2.47 0.15
N ILE A 10 -12.60 3.04 1.32
CA ILE A 10 -13.03 4.39 1.63
C ILE A 10 -12.14 5.41 0.93
N GLY A 11 -10.83 5.18 0.95
CA GLY A 11 -9.89 6.08 0.32
C GLY A 11 -10.03 6.13 -1.19
N GLY A 12 -10.10 4.96 -1.81
CA GLY A 12 -10.23 4.89 -3.25
C GLY A 12 -9.00 4.35 -3.93
N LYS A 13 -7.86 4.44 -3.24
CA LYS A 13 -6.61 3.97 -3.81
C LYS A 13 -6.06 2.81 -2.98
N GLN A 14 -6.41 1.59 -3.38
CA GLN A 14 -5.99 0.39 -2.67
C GLN A 14 -4.47 0.29 -2.55
N ALA A 15 -3.77 0.53 -3.65
CA ALA A 15 -2.32 0.44 -3.67
C ALA A 15 -1.64 1.67 -3.03
N LEU A 16 -2.44 2.54 -2.43
CA LEU A 16 -1.90 3.73 -1.78
C LEU A 16 -2.33 3.77 -0.31
N GLU A 17 -3.52 3.28 -0.05
CA GLU A 17 -4.04 3.26 1.31
C GLU A 17 -3.44 2.08 2.09
N THR A 18 -3.12 1.00 1.38
CA THR A 18 -2.55 -0.17 2.01
C THR A 18 -1.10 0.09 2.46
N VAL A 19 -0.39 0.96 1.74
CA VAL A 19 0.99 1.27 2.09
C VAL A 19 1.05 2.11 3.37
N GLN A 20 0.00 2.88 3.62
CA GLN A 20 -0.07 3.72 4.80
C GLN A 20 -0.32 2.89 6.04
N ARG A 21 -0.86 1.69 5.84
CA ARG A 21 -1.17 0.80 6.95
C ARG A 21 -0.07 -0.24 7.16
N LEU A 22 0.49 -0.74 6.07
CA LEU A 22 1.52 -1.77 6.15
C LEU A 22 2.88 -1.19 6.49
N LEU A 23 3.13 0.06 6.10
CA LEU A 23 4.41 0.71 6.37
C LEU A 23 4.78 0.67 7.86
N PRO A 24 3.93 1.19 8.77
CA PRO A 24 4.23 1.17 10.21
C PRO A 24 4.37 -0.25 10.76
N VAL A 25 3.58 -1.18 10.22
CA VAL A 25 3.62 -2.56 10.67
C VAL A 25 4.96 -3.20 10.33
N LEU A 26 5.33 -3.16 9.07
CA LEU A 26 6.59 -3.75 8.62
C LEU A 26 7.78 -2.99 9.19
N CYS A 27 7.59 -1.70 9.44
CA CYS A 27 8.65 -0.87 10.00
C CYS A 27 8.88 -1.23 11.47
N GLN A 28 7.86 -1.71 12.13
CA GLN A 28 7.96 -2.10 13.53
C GLN A 28 8.46 -3.53 13.65
N ALA A 29 8.06 -4.37 12.69
CA ALA A 29 8.46 -5.77 12.69
C ALA A 29 9.90 -5.93 12.24
N HIS A 30 10.25 -5.30 11.12
CA HIS A 30 11.62 -5.40 10.59
C HIS A 30 12.26 -4.03 10.51
N GLY A 31 11.60 -3.10 9.85
CA GLY A 31 12.14 -1.76 9.72
C GLY A 31 12.47 -1.40 8.29
N LEU A 32 12.42 -2.38 7.40
CA LEU A 32 12.71 -2.16 6.00
C LEU A 32 11.48 -1.69 5.23
N THR A 33 10.35 -2.33 5.55
CA THR A 33 9.05 -2.05 4.91
C THR A 33 9.19 -1.81 3.40
N PRO A 34 9.26 -2.92 2.63
CA PRO A 34 9.40 -2.86 1.16
C PRO A 34 8.13 -2.38 0.48
N GLU A 35 7.10 -2.15 1.26
CA GLU A 35 5.82 -1.67 0.75
C GLU A 35 6.01 -0.33 0.04
N GLN A 36 6.96 0.45 0.53
CA GLN A 36 7.26 1.75 -0.05
C GLN A 36 7.93 1.60 -1.42
N VAL A 37 8.23 0.35 -1.77
CA VAL A 37 8.87 0.06 -3.04
C VAL A 37 7.93 -0.73 -3.95
N VAL A 38 7.62 -1.96 -3.56
CA VAL A 38 6.76 -2.83 -4.36
C VAL A 38 5.35 -2.27 -4.55
N ALA A 39 4.69 -1.89 -3.46
CA ALA A 39 3.33 -1.37 -3.55
C ALA A 39 3.30 -0.03 -4.26
N ILE A 40 4.30 0.81 -3.98
CA ILE A 40 4.38 2.13 -4.61
C ILE A 40 4.66 2.00 -6.10
N ALA A 41 5.62 1.17 -6.47
CA ALA A 41 5.96 0.98 -7.88
C ALA A 41 4.75 0.46 -8.66
N SER A 42 4.08 -0.53 -8.10
CA SER A 42 2.91 -1.13 -8.75
C SER A 42 1.74 -0.14 -8.78
N HIS A 43 1.74 0.84 -7.88
CA HIS A 43 0.67 1.83 -7.85
C HIS A 43 0.98 2.99 -8.80
N ASP A 44 2.25 3.27 -9.00
CA ASP A 44 2.66 4.37 -9.86
C ASP A 44 2.88 3.90 -11.29
N GLY A 45 4.06 3.36 -11.56
CA GLY A 45 4.40 2.92 -12.90
C GLY A 45 3.71 1.62 -13.29
N GLY A 46 3.22 0.87 -12.30
CA GLY A 46 2.56 -0.38 -12.58
C GLY A 46 1.06 -0.25 -12.79
N LYS A 47 0.51 0.90 -12.43
CA LYS A 47 -0.93 1.12 -12.58
C LYS A 47 -1.22 2.03 -13.77
N GLN A 48 -0.17 2.55 -14.40
CA GLN A 48 -0.32 3.45 -15.54
C GLN A 48 -1.13 2.80 -16.66
N ALA A 49 -0.78 1.58 -17.02
CA ALA A 49 -1.48 0.88 -18.08
C ALA A 49 -2.68 0.10 -17.54
N LEU A 50 -3.06 0.38 -16.30
CA LEU A 50 -4.18 -0.30 -15.67
C LEU A 50 -5.16 0.73 -15.10
N GLU A 51 -5.25 1.88 -15.76
CA GLU A 51 -6.14 2.95 -15.34
C GLU A 51 -7.04 3.37 -16.47
#